data_2I19
#
_entry.id   2I19
#
_cell.length_a   133.214
_cell.length_b   119.551
_cell.length_c   62.438
_cell.angle_alpha   90.00
_cell.angle_beta   111.93
_cell.angle_gamma   90.00
#
_symmetry.space_group_name_H-M   'C 1 2 1'
#
loop_
_entity.id
_entity.type
_entity.pdbx_description
1 polymer 'Farnesyl pyrophosphate synthase'
2 non-polymer 'MAGNESIUM ION'
3 non-polymer '[2-(PYRIDIN-2-YLAMINO)ETHANE-1,1-DIYL]BIS(PHOSPHONIC ACID)'
4 water water
#
_entity_poly.entity_id   1
_entity_poly.type   'polypeptide(L)'
_entity_poly.pdbx_seq_one_letter_code
;MGSSHHHHHHSSGLVPRGSHMASMPMQMFMQVYDEIQMFLLEELELKFDMDPNRVRYLRKMMDTTCLGGKYNRGLTVIDV
AESLLSLSPNNNGEEDDGARRKRVLHDACVCGWMIEFLQAHYLVEDDIMDNSVTRRGKPCWYRHPDVTVQCAINDGLLLK
SWTHMMAMHFFADRPFLQDLLCRFNRVDYTTAVGQLYDVTSMFDSNKLDPDVSQPTTTDFAEFTLSNYKRIVKYKTAYYT
YLLPLVMGLIVSEALPTVDMGVTEELAMLMGEYFQVQDDVMDCFTPPERLGKVGTDIQDAKCSWLAVTFLAKASSAQVAE
FKANYGSGDSEKVATVRRLYEEADLQGDYVAYEAAVAEQVKELIEKLRLCSPGFAASVETLWGKTYKRQK
;
_entity_poly.pdbx_strand_id   A,B
#
# COMPACT_ATOMS: atom_id res chain seq x y z
N MET A 24 -19.80 -2.27 26.57
CA MET A 24 -20.64 -1.71 25.52
C MET A 24 -19.83 -1.09 24.39
N PRO A 25 -18.95 -0.13 24.63
CA PRO A 25 -18.26 0.56 23.52
C PRO A 25 -17.46 -0.40 22.66
N MET A 26 -17.06 -1.53 23.22
CA MET A 26 -16.42 -2.63 22.51
C MET A 26 -17.46 -3.64 22.03
N GLN A 27 -18.66 -3.55 22.64
CA GLN A 27 -19.78 -4.36 22.15
C GLN A 27 -20.09 -3.90 20.73
N MET A 28 -20.36 -2.61 20.58
CA MET A 28 -20.78 -2.00 19.33
C MET A 28 -19.64 -1.94 18.32
N PHE A 29 -18.45 -1.61 18.82
CA PHE A 29 -17.27 -1.61 17.98
C PHE A 29 -17.13 -2.94 17.25
N MET A 30 -17.22 -4.00 18.05
CA MET A 30 -16.98 -5.36 17.60
C MET A 30 -18.10 -5.90 16.71
N GLN A 31 -19.31 -5.37 16.85
CA GLN A 31 -20.38 -5.85 15.96
C GLN A 31 -20.34 -5.06 14.65
N VAL A 32 -19.59 -3.97 14.65
CA VAL A 32 -19.37 -3.23 13.42
C VAL A 32 -18.29 -3.93 12.58
N TYR A 33 -17.40 -4.63 13.28
CA TYR A 33 -16.35 -5.40 12.61
C TYR A 33 -16.98 -6.49 11.73
N ASP A 34 -17.80 -7.31 12.39
CA ASP A 34 -18.62 -8.36 11.80
C ASP A 34 -19.39 -7.80 10.61
N GLU A 35 -19.85 -6.57 10.78
CA GLU A 35 -20.53 -5.84 9.73
C GLU A 35 -19.61 -5.57 8.55
N ILE A 36 -18.48 -4.92 8.84
CA ILE A 36 -17.48 -4.64 7.80
C ILE A 36 -17.02 -5.89 7.07
N GLN A 37 -16.69 -6.95 7.79
CA GLN A 37 -16.13 -8.18 7.23
C GLN A 37 -17.08 -8.91 6.29
N MET A 38 -18.38 -8.80 6.58
CA MET A 38 -19.42 -9.40 5.75
C MET A 38 -19.57 -8.64 4.44
N PHE A 39 -19.50 -7.31 4.50
CA PHE A 39 -19.58 -6.63 3.20
C PHE A 39 -18.32 -6.89 2.39
N LEU A 40 -17.14 -6.75 2.99
CA LEU A 40 -15.91 -6.90 2.23
C LEU A 40 -15.85 -8.29 1.61
N LEU A 41 -16.16 -9.30 2.41
CA LEU A 41 -16.10 -10.70 2.02
C LEU A 41 -17.18 -11.09 1.02
N GLU A 42 -18.41 -10.64 1.27
CA GLU A 42 -19.52 -10.92 0.37
C GLU A 42 -19.30 -10.24 -0.98
N GLU A 43 -18.65 -9.08 -0.96
CA GLU A 43 -18.36 -8.33 -2.17
C GLU A 43 -17.24 -8.97 -2.99
N LEU A 44 -16.41 -9.79 -2.33
CA LEU A 44 -15.37 -10.46 -3.12
C LEU A 44 -15.98 -11.57 -3.96
N GLU A 45 -16.80 -12.39 -3.28
CA GLU A 45 -17.49 -13.50 -3.89
C GLU A 45 -18.48 -13.01 -4.95
N LEU A 46 -19.10 -11.85 -4.69
CA LEU A 46 -20.08 -11.32 -5.62
C LEU A 46 -19.46 -10.59 -6.80
N LYS A 47 -18.64 -9.57 -6.52
CA LYS A 47 -18.19 -8.71 -7.61
C LYS A 47 -16.82 -9.02 -8.15
N PHE A 48 -16.18 -10.10 -7.68
CA PHE A 48 -14.75 -10.26 -7.96
C PHE A 48 -14.41 -11.73 -8.23
N ASP A 49 -15.44 -12.55 -8.32
CA ASP A 49 -15.37 -13.96 -8.67
C ASP A 49 -14.65 -14.79 -7.63
N MET A 50 -14.63 -14.36 -6.36
CA MET A 50 -13.76 -15.12 -5.45
C MET A 50 -14.43 -16.43 -5.05
N ASP A 51 -13.63 -17.47 -4.92
CA ASP A 51 -14.07 -18.79 -4.50
C ASP A 51 -14.04 -18.93 -2.98
N PRO A 52 -14.83 -19.86 -2.47
CA PRO A 52 -14.91 -20.07 -1.01
C PRO A 52 -13.53 -20.28 -0.39
N ASN A 53 -12.63 -20.88 -1.18
CA ASN A 53 -11.31 -21.17 -0.63
C ASN A 53 -10.58 -19.88 -0.28
N ARG A 54 -10.56 -18.93 -1.22
CA ARG A 54 -9.83 -17.69 -0.99
C ARG A 54 -10.59 -16.72 -0.10
N VAL A 55 -11.90 -16.91 0.04
CA VAL A 55 -12.68 -16.04 0.92
C VAL A 55 -12.37 -16.45 2.36
N ARG A 56 -12.26 -17.76 2.56
CA ARG A 56 -11.86 -18.32 3.86
C ARG A 56 -10.48 -17.81 4.23
N TYR A 57 -9.54 -17.83 3.29
CA TYR A 57 -8.19 -17.33 3.59
C TYR A 57 -8.25 -15.88 4.05
N LEU A 58 -8.96 -15.11 3.22
CA LEU A 58 -8.98 -13.66 3.44
C LEU A 58 -9.74 -13.33 4.71
N ARG A 59 -10.68 -14.16 5.16
CA ARG A 59 -11.33 -13.91 6.44
C ARG A 59 -10.38 -14.20 7.60
N LYS A 60 -9.60 -15.27 7.42
CA LYS A 60 -8.63 -15.63 8.45
C LYS A 60 -7.52 -14.58 8.53
N MET A 61 -7.14 -14.05 7.36
CA MET A 61 -6.09 -13.04 7.34
C MET A 61 -6.50 -11.76 8.06
N MET A 62 -7.74 -11.33 7.82
CA MET A 62 -8.31 -10.14 8.42
C MET A 62 -8.44 -10.23 9.93
N ASP A 63 -8.84 -11.40 10.43
CA ASP A 63 -9.02 -11.54 11.87
C ASP A 63 -7.68 -11.44 12.61
N THR A 64 -6.70 -12.16 12.07
CA THR A 64 -5.37 -12.33 12.62
C THR A 64 -4.59 -11.02 12.68
N THR A 65 -4.65 -10.23 11.62
CA THR A 65 -3.89 -9.00 11.53
C THR A 65 -4.65 -7.82 12.12
N CYS A 66 -5.96 -7.95 12.25
CA CYS A 66 -6.80 -6.86 12.71
C CYS A 66 -7.33 -7.04 14.13
N LEU A 67 -7.45 -8.28 14.59
CA LEU A 67 -7.99 -8.42 15.95
C LEU A 67 -6.91 -9.01 16.86
N GLY A 68 -6.74 -8.44 18.05
CA GLY A 68 -5.72 -8.96 18.95
C GLY A 68 -5.22 -7.89 19.90
N GLY A 69 -5.15 -6.65 19.44
CA GLY A 69 -4.71 -5.53 20.26
C GLY A 69 -5.83 -5.06 21.16
N LYS A 70 -5.72 -3.83 21.65
CA LYS A 70 -6.75 -3.27 22.54
C LYS A 70 -7.55 -2.14 21.88
N TYR A 71 -7.40 -1.98 20.57
CA TYR A 71 -8.27 -1.10 19.80
C TYR A 71 -8.26 0.31 20.38
N ASN A 72 -7.11 0.67 20.94
CA ASN A 72 -6.95 1.98 21.55
C ASN A 72 -7.05 3.10 20.54
N ARG A 73 -6.61 2.96 19.29
CA ARG A 73 -6.86 4.09 18.39
C ARG A 73 -8.27 4.01 17.83
N GLY A 74 -8.77 2.79 17.70
CA GLY A 74 -10.12 2.55 17.23
C GLY A 74 -11.18 3.14 18.15
N LEU A 75 -11.19 2.77 19.42
CA LEU A 75 -12.13 3.21 20.45
C LEU A 75 -12.00 4.67 20.83
N THR A 76 -10.84 5.29 20.66
CA THR A 76 -10.71 6.73 20.91
C THR A 76 -11.67 7.53 20.05
N VAL A 77 -11.69 7.25 18.75
CA VAL A 77 -12.63 7.86 17.82
C VAL A 77 -14.05 7.78 18.39
N ILE A 78 -14.39 6.61 18.94
CA ILE A 78 -15.70 6.51 19.57
C ILE A 78 -15.83 7.49 20.73
N ASP A 79 -14.77 7.56 21.54
CA ASP A 79 -14.75 8.46 22.68
C ASP A 79 -14.82 9.92 22.27
N VAL A 80 -14.04 10.28 21.25
CA VAL A 80 -14.06 11.70 20.85
C VAL A 80 -15.46 12.09 20.37
N ALA A 81 -16.19 11.13 19.81
CA ALA A 81 -17.46 11.41 19.15
C ALA A 81 -18.62 11.52 20.13
N GLU A 82 -18.61 10.72 21.20
CA GLU A 82 -19.64 10.78 22.22
C GLU A 82 -19.55 12.08 23.00
N SER A 83 -18.31 12.50 23.20
CA SER A 83 -18.00 13.65 24.05
C SER A 83 -18.15 14.97 23.30
N LEU A 84 -18.52 14.86 22.04
CA LEU A 84 -18.77 16.01 21.18
C LEU A 84 -20.22 16.10 20.72
N LEU A 85 -21.04 15.08 20.96
CA LEU A 85 -22.47 15.27 20.71
C LEU A 85 -23.07 15.81 22.02
N SER A 86 -22.36 15.50 23.10
CA SER A 86 -22.66 16.06 24.41
C SER A 86 -22.21 17.52 24.47
N LEU A 87 -20.96 17.74 24.87
CA LEU A 87 -20.41 19.08 25.01
C LEU A 87 -19.88 19.59 23.67
N SER A 88 -20.15 20.84 23.39
CA SER A 88 -19.96 21.57 22.14
C SER A 88 -20.60 20.88 20.95
N PRO A 89 -21.84 20.41 21.03
CA PRO A 89 -22.40 19.69 19.88
C PRO A 89 -23.14 20.61 18.92
N ASN A 90 -23.80 19.97 17.95
CA ASN A 90 -24.54 20.71 16.94
C ASN A 90 -25.86 21.23 17.50
N ASN A 91 -26.03 22.55 17.43
CA ASN A 91 -27.31 23.14 17.83
C ASN A 91 -28.32 22.83 16.72
N ASN A 92 -27.80 22.83 15.50
CA ASN A 92 -28.56 22.55 14.30
C ASN A 92 -29.25 21.19 14.39
N GLY A 93 -28.61 20.31 15.13
CA GLY A 93 -29.04 18.96 15.42
C GLY A 93 -30.15 18.95 16.48
N GLU A 94 -31.26 18.36 16.09
CA GLU A 94 -32.53 18.24 16.78
C GLU A 94 -32.42 18.41 18.29
N GLU A 95 -33.55 18.79 18.89
CA GLU A 95 -33.62 18.95 20.34
C GLU A 95 -33.35 17.61 21.03
N ASP A 96 -32.08 17.38 21.29
CA ASP A 96 -31.48 16.27 22.01
C ASP A 96 -32.33 15.00 21.92
N ASP A 97 -32.35 14.39 20.74
CA ASP A 97 -33.16 13.19 20.52
C ASP A 97 -32.38 12.14 19.72
N GLY A 98 -32.19 11.00 20.35
CA GLY A 98 -31.44 9.83 20.01
C GLY A 98 -31.75 9.15 18.70
N ALA A 99 -30.89 9.43 17.72
CA ALA A 99 -30.91 8.98 16.34
C ALA A 99 -29.65 9.49 15.62
N ARG A 100 -29.25 10.69 15.97
CA ARG A 100 -28.01 11.30 15.50
C ARG A 100 -26.82 10.67 16.21
N ARG A 101 -27.02 10.33 17.48
CA ARG A 101 -25.97 9.73 18.29
C ARG A 101 -25.62 8.32 17.81
N LYS A 102 -26.59 7.44 17.59
CA LYS A 102 -26.24 6.09 17.15
C LYS A 102 -25.68 6.07 15.74
N ARG A 103 -25.96 7.13 14.99
CA ARG A 103 -25.45 7.33 13.64
C ARG A 103 -24.00 7.81 13.70
N VAL A 104 -23.77 8.87 14.45
CA VAL A 104 -22.40 9.33 14.68
C VAL A 104 -21.54 8.18 15.16
N LEU A 105 -21.97 7.61 16.29
CA LEU A 105 -21.29 6.47 16.90
C LEU A 105 -21.02 5.38 15.88
N HIS A 106 -22.00 5.03 15.05
CA HIS A 106 -21.74 3.98 14.06
C HIS A 106 -20.65 4.42 13.08
N ASP A 107 -20.72 5.65 12.62
CA ASP A 107 -19.66 6.25 11.82
C ASP A 107 -18.34 6.15 12.56
N ALA A 108 -18.40 6.44 13.86
CA ALA A 108 -17.16 6.50 14.64
C ALA A 108 -16.47 5.14 14.66
N CYS A 109 -17.29 4.10 14.64
CA CYS A 109 -16.81 2.72 14.60
C CYS A 109 -16.14 2.40 13.28
N VAL A 110 -16.76 2.79 12.16
CA VAL A 110 -16.14 2.56 10.87
C VAL A 110 -14.77 3.24 10.80
N CYS A 111 -14.77 4.48 11.27
CA CYS A 111 -13.54 5.28 11.26
C CYS A 111 -12.47 4.58 12.09
N GLY A 112 -12.91 4.07 13.23
CA GLY A 112 -12.06 3.32 14.15
C GLY A 112 -11.45 2.09 13.49
N TRP A 113 -12.28 1.32 12.79
CA TRP A 113 -11.75 0.16 12.08
C TRP A 113 -10.93 0.57 10.86
N MET A 114 -11.22 1.74 10.27
CA MET A 114 -10.34 2.24 9.21
C MET A 114 -8.94 2.41 9.78
N ILE A 115 -8.88 2.99 10.99
CA ILE A 115 -7.54 3.22 11.51
C ILE A 115 -6.83 1.93 11.85
N GLU A 116 -7.58 0.95 12.31
CA GLU A 116 -7.01 -0.34 12.72
C GLU A 116 -6.61 -1.18 11.53
N PHE A 117 -7.37 -1.10 10.44
CA PHE A 117 -7.01 -1.74 9.18
C PHE A 117 -5.78 -1.08 8.57
N LEU A 118 -5.68 0.25 8.72
CA LEU A 118 -4.49 0.95 8.25
C LEU A 118 -3.28 0.55 9.07
N GLN A 119 -3.44 0.47 10.40
CA GLN A 119 -2.34 -0.04 11.20
C GLN A 119 -2.00 -1.50 10.92
N ALA A 120 -3.03 -2.34 10.77
CA ALA A 120 -2.78 -3.75 10.48
C ALA A 120 -2.01 -3.90 9.17
N HIS A 121 -2.25 -2.99 8.23
CA HIS A 121 -1.49 -2.90 6.99
C HIS A 121 -0.01 -2.65 7.27
N TYR A 122 0.27 -1.64 8.10
CA TYR A 122 1.67 -1.26 8.23
C TYR A 122 2.45 -2.28 9.05
N LEU A 123 1.72 -2.96 9.95
CA LEU A 123 2.35 -3.99 10.78
C LEU A 123 2.67 -5.25 9.98
N VAL A 124 1.78 -5.67 9.06
CA VAL A 124 2.11 -6.77 8.17
C VAL A 124 3.41 -6.45 7.42
N GLU A 125 3.50 -5.28 6.78
CA GLU A 125 4.67 -4.93 5.99
C GLU A 125 5.88 -4.71 6.89
N ASP A 126 5.62 -4.12 8.05
CA ASP A 126 6.67 -3.82 9.00
C ASP A 126 7.28 -5.09 9.58
N ASP A 127 6.49 -6.09 9.96
CA ASP A 127 7.11 -7.29 10.54
C ASP A 127 8.03 -7.94 9.52
N ILE A 128 7.59 -7.89 8.26
CA ILE A 128 8.36 -8.43 7.15
C ILE A 128 9.62 -7.59 6.93
N MET A 129 9.46 -6.28 6.81
CA MET A 129 10.60 -5.39 6.64
C MET A 129 11.62 -5.57 7.78
N ASP A 130 11.11 -5.49 9.00
CA ASP A 130 11.94 -5.56 10.20
C ASP A 130 12.35 -7.01 10.48
N ASN A 131 11.73 -7.93 9.75
CA ASN A 131 11.96 -9.35 9.88
C ASN A 131 11.61 -9.86 11.27
N SER A 132 10.48 -9.44 11.83
CA SER A 132 10.11 -9.91 13.16
C SER A 132 9.64 -11.36 13.11
N VAL A 133 9.55 -11.97 14.28
CA VAL A 133 9.17 -13.36 14.47
C VAL A 133 7.79 -13.47 15.11
N THR A 134 7.49 -12.60 16.06
CA THR A 134 6.17 -12.70 16.70
C THR A 134 5.52 -11.34 16.91
N ARG A 135 4.19 -11.33 16.88
CA ARG A 135 3.43 -10.14 17.23
C ARG A 135 2.19 -10.55 18.04
N ARG A 136 1.80 -9.76 19.03
CA ARG A 136 0.68 -10.02 19.90
C ARG A 136 0.64 -11.46 20.40
N GLY A 137 1.77 -12.00 20.86
CA GLY A 137 1.88 -13.37 21.31
C GLY A 137 1.64 -14.40 20.22
N LYS A 138 2.20 -14.21 19.03
CA LYS A 138 1.87 -15.11 17.91
C LYS A 138 2.81 -14.88 16.74
N PRO A 139 2.98 -15.85 15.86
CA PRO A 139 3.74 -15.66 14.62
C PRO A 139 3.23 -14.47 13.82
N CYS A 140 4.15 -13.63 13.36
CA CYS A 140 3.76 -12.55 12.46
C CYS A 140 3.05 -13.22 11.28
N TRP A 141 2.10 -12.52 10.67
CA TRP A 141 1.35 -13.00 9.52
C TRP A 141 2.33 -13.64 8.54
N TYR A 142 3.33 -12.89 8.05
CA TYR A 142 4.30 -13.45 7.12
C TYR A 142 5.08 -14.64 7.69
N ARG A 143 5.01 -14.87 8.99
CA ARG A 143 5.56 -15.99 9.70
C ARG A 143 4.60 -17.17 9.80
N HIS A 144 3.35 -17.06 9.34
CA HIS A 144 2.48 -18.24 9.46
C HIS A 144 2.77 -19.30 8.40
N PRO A 145 2.51 -20.56 8.73
CA PRO A 145 2.74 -21.74 7.88
C PRO A 145 2.20 -21.70 6.46
N ASP A 146 0.94 -21.36 6.19
CA ASP A 146 0.48 -21.35 4.80
C ASP A 146 0.48 -19.92 4.27
N VAL A 147 1.26 -19.05 4.89
CA VAL A 147 1.39 -17.68 4.40
C VAL A 147 2.78 -17.53 3.79
N THR A 148 2.80 -17.14 2.52
CA THR A 148 4.10 -17.02 1.84
C THR A 148 4.59 -15.59 1.92
N VAL A 149 5.90 -15.31 1.84
CA VAL A 149 6.31 -13.90 1.96
C VAL A 149 5.73 -13.08 0.83
N GLN A 150 5.58 -13.71 -0.35
CA GLN A 150 5.06 -12.92 -1.47
C GLN A 150 3.57 -12.65 -1.30
N CYS A 151 2.84 -13.57 -0.67
CA CYS A 151 1.42 -13.37 -0.41
C CYS A 151 1.19 -12.38 0.73
N ALA A 152 1.98 -12.51 1.80
CA ALA A 152 1.91 -11.64 2.96
C ALA A 152 2.04 -10.17 2.56
N ILE A 153 2.93 -9.90 1.63
CA ILE A 153 3.17 -8.53 1.17
C ILE A 153 1.91 -7.94 0.53
N ASN A 154 1.30 -8.74 -0.33
CA ASN A 154 0.06 -8.39 -1.03
C ASN A 154 -1.13 -8.37 -0.06
N ASP A 155 -1.16 -9.32 0.87
CA ASP A 155 -2.20 -9.31 1.89
C ASP A 155 -2.23 -7.94 2.58
N GLY A 156 -1.02 -7.47 2.89
CA GLY A 156 -0.84 -6.17 3.49
C GLY A 156 -1.54 -5.09 2.69
N LEU A 157 -1.27 -5.09 1.40
CA LEU A 157 -1.86 -4.16 0.46
C LEU A 157 -3.39 -4.21 0.46
N LEU A 158 -3.95 -5.41 0.58
CA LEU A 158 -5.40 -5.57 0.60
C LEU A 158 -6.01 -4.88 1.80
N LEU A 159 -5.32 -5.03 2.93
CA LEU A 159 -5.62 -4.33 4.17
C LEU A 159 -5.86 -2.84 4.00
N LYS A 160 -4.98 -2.20 3.22
CA LYS A 160 -5.12 -0.75 3.04
C LYS A 160 -6.26 -0.50 2.06
N SER A 161 -6.38 -1.31 1.02
CA SER A 161 -7.53 -1.19 0.13
C SER A 161 -8.84 -1.31 0.91
N TRP A 162 -8.93 -2.27 1.81
CA TRP A 162 -10.18 -2.44 2.55
C TRP A 162 -10.58 -1.20 3.32
N THR A 163 -9.60 -0.41 3.74
CA THR A 163 -9.89 0.85 4.40
C THR A 163 -10.66 1.78 3.48
N HIS A 164 -10.28 1.82 2.20
CA HIS A 164 -10.97 2.61 1.19
C HIS A 164 -12.33 2.03 0.80
N MET A 165 -12.48 0.71 0.76
CA MET A 165 -13.75 0.07 0.47
C MET A 165 -14.71 0.18 1.65
N MET A 166 -14.21 0.10 2.88
CA MET A 166 -15.24 0.25 3.94
C MET A 166 -15.70 1.70 4.00
N ALA A 167 -14.82 2.68 3.79
CA ALA A 167 -15.23 4.08 3.83
C ALA A 167 -16.18 4.48 2.70
N MET A 168 -15.95 3.93 1.50
CA MET A 168 -16.80 4.27 0.37
C MET A 168 -18.21 3.71 0.55
N HIS A 169 -18.27 2.53 1.16
CA HIS A 169 -19.50 1.81 1.39
C HIS A 169 -20.35 2.43 2.47
N PHE A 170 -19.78 2.87 3.59
CA PHE A 170 -20.57 3.44 4.69
C PHE A 170 -20.69 4.95 4.58
N PHE A 171 -19.71 5.64 3.99
CA PHE A 171 -19.74 7.09 4.03
C PHE A 171 -20.12 7.67 2.67
N ALA A 172 -20.57 6.78 1.79
CA ALA A 172 -20.96 7.10 0.43
C ALA A 172 -21.69 8.43 0.32
N ASP A 173 -22.81 8.59 1.03
CA ASP A 173 -23.61 9.80 0.99
C ASP A 173 -23.19 10.85 2.00
N ARG A 174 -22.04 10.62 2.64
CA ARG A 174 -21.63 11.52 3.71
C ARG A 174 -20.89 12.75 3.24
N PRO A 175 -21.41 13.94 3.56
CA PRO A 175 -20.78 15.19 3.14
C PRO A 175 -19.30 15.26 3.49
N PHE A 176 -18.91 14.68 4.61
CA PHE A 176 -17.54 14.73 5.08
C PHE A 176 -16.60 13.75 4.36
N LEU A 177 -17.13 12.89 3.51
CA LEU A 177 -16.33 11.80 2.95
C LEU A 177 -15.04 12.28 2.30
N GLN A 178 -15.05 13.39 1.55
CA GLN A 178 -13.82 13.88 0.95
C GLN A 178 -12.79 14.31 2.00
N ASP A 179 -13.20 15.19 2.90
CA ASP A 179 -12.43 15.67 4.03
C ASP A 179 -11.89 14.51 4.87
N LEU A 180 -12.76 13.54 5.12
CA LEU A 180 -12.46 12.27 5.76
C LEU A 180 -11.27 11.60 5.09
N LEU A 181 -11.47 11.38 3.79
CA LEU A 181 -10.54 10.68 2.93
C LEU A 181 -9.27 11.47 2.72
N CYS A 182 -9.37 12.79 2.58
CA CYS A 182 -8.14 13.57 2.37
C CYS A 182 -7.20 13.42 3.56
N ARG A 183 -7.68 13.81 4.74
CA ARG A 183 -6.90 13.80 5.96
C ARG A 183 -6.27 12.44 6.23
N PHE A 184 -7.12 11.44 6.07
CA PHE A 184 -6.77 10.04 6.23
C PHE A 184 -5.56 9.65 5.40
N ASN A 185 -5.64 9.91 4.09
CA ASN A 185 -4.50 9.56 3.23
C ASN A 185 -3.28 10.40 3.55
N ARG A 186 -3.52 11.64 3.95
CA ARG A 186 -2.39 12.46 4.37
C ARG A 186 -1.64 11.77 5.51
N VAL A 187 -2.39 11.23 6.48
CA VAL A 187 -1.78 10.53 7.62
C VAL A 187 -1.23 9.17 7.20
N ASP A 188 -1.89 8.51 6.25
CA ASP A 188 -1.30 7.26 5.77
C ASP A 188 0.09 7.53 5.16
N TYR A 189 0.14 8.63 4.41
CA TYR A 189 1.38 9.10 3.80
C TYR A 189 2.40 9.53 4.85
N THR A 190 2.06 10.34 5.84
CA THR A 190 3.08 10.73 6.82
C THR A 190 3.63 9.52 7.57
N THR A 191 2.89 8.42 7.62
CA THR A 191 3.38 7.20 8.27
C THR A 191 4.40 6.43 7.45
N ALA A 192 4.20 6.36 6.14
CA ALA A 192 5.14 5.76 5.20
C ALA A 192 6.46 6.52 5.16
N VAL A 193 6.38 7.84 5.34
CA VAL A 193 7.59 8.65 5.34
C VAL A 193 8.39 8.33 6.60
N GLY A 194 7.65 8.09 7.68
CA GLY A 194 8.18 7.76 8.99
C GLY A 194 8.91 6.44 8.95
N GLN A 195 8.37 5.52 8.16
CA GLN A 195 8.97 4.21 7.94
C GLN A 195 10.24 4.38 7.10
N LEU A 196 10.26 5.42 6.29
CA LEU A 196 11.42 5.74 5.49
C LEU A 196 12.55 6.22 6.40
N TYR A 197 12.19 7.12 7.30
CA TYR A 197 13.09 7.66 8.31
C TYR A 197 13.63 6.58 9.23
N ASP A 198 12.78 5.68 9.69
CA ASP A 198 13.27 4.60 10.55
C ASP A 198 14.23 3.66 9.84
N VAL A 199 13.94 3.20 8.63
CA VAL A 199 14.77 2.20 7.96
C VAL A 199 16.06 2.77 7.36
N THR A 200 16.21 4.09 7.26
CA THR A 200 17.42 4.66 6.68
C THR A 200 18.29 5.23 7.80
N SER A 201 17.99 4.79 9.00
CA SER A 201 18.55 5.28 10.25
C SER A 201 19.97 4.78 10.48
N MET A 202 20.17 3.50 10.30
CA MET A 202 21.41 2.79 10.53
C MET A 202 22.58 3.33 9.70
N PHE A 203 22.46 3.84 8.49
CA PHE A 203 23.64 4.34 7.76
C PHE A 203 23.58 5.85 7.51
N ASP A 204 24.71 6.39 7.06
CA ASP A 204 24.94 7.82 6.91
C ASP A 204 24.33 8.41 5.64
N SER A 205 23.32 9.25 5.86
CA SER A 205 22.57 9.97 4.86
C SER A 205 23.41 10.44 3.68
N ASN A 206 24.64 10.87 3.95
CA ASN A 206 25.48 11.38 2.88
C ASN A 206 25.71 10.31 1.83
N LYS A 207 26.05 9.13 2.37
CA LYS A 207 26.30 8.03 1.44
C LYS A 207 25.00 7.31 1.11
N LEU A 208 23.96 8.06 0.77
CA LEU A 208 22.66 7.51 0.37
C LEU A 208 22.43 7.74 -1.13
N ASP A 209 22.58 6.68 -1.87
CA ASP A 209 22.73 6.49 -3.28
C ASP A 209 22.37 5.05 -3.65
N PRO A 210 21.17 4.81 -4.15
CA PRO A 210 20.72 3.47 -4.52
C PRO A 210 21.71 2.74 -5.42
N ASP A 211 22.48 3.49 -6.21
CA ASP A 211 23.45 2.85 -7.10
C ASP A 211 24.65 2.30 -6.34
N VAL A 212 24.65 2.36 -5.01
CA VAL A 212 25.85 2.04 -4.24
C VAL A 212 25.62 1.09 -3.10
N SER A 213 26.44 0.05 -2.99
CA SER A 213 26.33 -0.79 -1.79
C SER A 213 26.56 0.08 -0.55
N GLN A 214 26.15 -0.44 0.60
CA GLN A 214 26.10 0.33 1.83
C GLN A 214 26.48 -0.48 3.05
N PRO A 215 27.15 0.17 3.99
CA PRO A 215 27.57 -0.45 5.25
C PRO A 215 26.82 0.08 6.45
N THR A 216 26.66 -0.75 7.48
CA THR A 216 26.09 -0.23 8.72
C THR A 216 27.01 0.86 9.29
N THR A 217 26.41 2.00 9.64
CA THR A 217 27.14 3.03 10.38
C THR A 217 27.80 2.32 11.57
N THR A 218 29.06 2.67 11.78
CA THR A 218 29.88 2.01 12.78
C THR A 218 30.21 2.96 13.93
N ASP A 219 29.86 4.21 13.66
CA ASP A 219 30.06 5.38 14.49
C ASP A 219 28.72 5.91 14.99
N PHE A 220 27.64 5.31 14.50
CA PHE A 220 26.29 5.62 14.91
C PHE A 220 26.06 7.13 14.98
N ALA A 221 26.60 7.88 14.03
CA ALA A 221 26.57 9.33 14.16
C ALA A 221 25.20 9.94 13.93
N GLU A 222 24.27 9.19 13.36
CA GLU A 222 22.93 9.77 13.15
C GLU A 222 21.99 9.34 14.27
N PHE A 223 22.53 8.67 15.29
CA PHE A 223 21.72 8.26 16.42
C PHE A 223 21.57 9.45 17.37
N THR A 224 20.96 10.51 16.86
CA THR A 224 20.78 11.71 17.69
C THR A 224 19.31 11.93 18.05
N LEU A 225 19.07 12.74 19.07
CA LEU A 225 17.67 12.97 19.47
C LEU A 225 16.86 13.57 18.34
N SER A 226 17.37 14.59 17.66
CA SER A 226 16.64 15.26 16.60
C SER A 226 16.10 14.29 15.57
N ASN A 227 16.88 13.26 15.29
CA ASN A 227 16.43 12.31 14.27
C ASN A 227 15.50 11.28 14.90
N TYR A 228 15.73 10.91 16.15
CA TYR A 228 14.79 10.08 16.87
C TYR A 228 13.39 10.69 16.77
N LYS A 229 13.33 11.92 17.24
CA LYS A 229 12.15 12.77 17.29
C LYS A 229 11.40 12.73 15.96
N ARG A 230 12.15 12.79 14.90
CA ARG A 230 11.62 12.85 13.54
C ARG A 230 11.06 11.50 13.11
N ILE A 231 11.87 10.45 13.19
CA ILE A 231 11.52 9.11 12.73
C ILE A 231 10.65 8.38 13.73
N VAL A 232 9.75 9.11 14.36
CA VAL A 232 8.92 8.73 15.48
C VAL A 232 7.64 9.58 15.51
N LYS A 233 7.84 10.87 15.29
CA LYS A 233 6.77 11.82 15.08
C LYS A 233 6.00 11.47 13.79
N TYR A 234 6.70 11.20 12.69
CA TYR A 234 6.04 10.84 11.43
C TYR A 234 5.60 9.40 11.49
N LYS A 235 6.38 8.54 12.16
CA LYS A 235 6.04 7.12 12.07
C LYS A 235 5.02 6.67 13.10
N THR A 236 4.89 7.35 14.23
CA THR A 236 3.96 6.90 15.27
C THR A 236 2.83 7.84 15.64
N ALA A 237 3.12 9.11 15.90
CA ALA A 237 2.14 9.98 16.55
C ALA A 237 0.99 10.37 15.65
N TYR A 238 1.24 10.47 14.35
CA TYR A 238 0.15 10.95 13.50
C TYR A 238 -1.03 9.99 13.44
N TYR A 239 -0.77 8.72 13.16
CA TYR A 239 -1.88 7.77 12.99
C TYR A 239 -2.32 7.23 14.33
N THR A 240 -1.43 7.37 15.31
CA THR A 240 -1.75 6.85 16.63
C THR A 240 -2.54 7.86 17.45
N TYR A 241 -2.18 9.14 17.35
CA TYR A 241 -2.81 10.18 18.15
C TYR A 241 -3.60 11.18 17.34
N LEU A 242 -3.06 11.84 16.31
CA LEU A 242 -3.82 12.80 15.52
C LEU A 242 -5.02 12.24 14.76
N LEU A 243 -4.89 11.08 14.12
CA LEU A 243 -5.93 10.57 13.23
C LEU A 243 -7.18 10.17 14.02
N PRO A 244 -7.08 9.36 15.07
CA PRO A 244 -8.26 9.05 15.88
C PRO A 244 -9.02 10.29 16.31
N LEU A 245 -8.31 11.29 16.82
CA LEU A 245 -8.95 12.52 17.28
C LEU A 245 -9.61 13.24 16.13
N VAL A 246 -8.87 13.35 15.03
CA VAL A 246 -9.36 14.08 13.87
C VAL A 246 -10.63 13.47 13.30
N MET A 247 -10.68 12.15 13.24
CA MET A 247 -11.82 11.43 12.69
C MET A 247 -13.02 11.49 13.63
N GLY A 248 -12.73 11.56 14.92
CA GLY A 248 -13.81 11.73 15.89
C GLY A 248 -14.41 13.11 15.72
N LEU A 249 -13.54 14.09 15.50
CA LEU A 249 -14.06 15.44 15.26
C LEU A 249 -14.99 15.46 14.04
N ILE A 250 -14.52 14.83 12.97
CA ILE A 250 -15.22 14.90 11.70
C ILE A 250 -16.57 14.20 11.71
N VAL A 251 -16.66 12.98 12.23
CA VAL A 251 -17.95 12.29 12.22
C VAL A 251 -18.91 12.94 13.22
N SER A 252 -18.34 13.76 14.09
CA SER A 252 -18.99 14.66 15.01
C SER A 252 -19.34 16.00 14.35
N GLU A 253 -18.66 16.29 13.25
CA GLU A 253 -18.86 17.55 12.55
C GLU A 253 -18.51 18.70 13.50
N ALA A 254 -17.48 18.50 14.31
CA ALA A 254 -17.06 19.47 15.31
C ALA A 254 -15.63 19.93 15.07
N LEU A 255 -15.12 19.54 13.92
CA LEU A 255 -13.81 19.81 13.39
C LEU A 255 -13.36 21.24 13.68
N PRO A 256 -14.08 22.27 13.27
CA PRO A 256 -13.50 23.62 13.32
C PRO A 256 -13.65 24.23 14.71
N THR A 257 -14.38 23.50 15.56
CA THR A 257 -14.60 24.05 16.89
C THR A 257 -13.34 24.01 17.74
N VAL A 258 -12.28 23.37 17.23
CA VAL A 258 -11.08 23.24 18.05
C VAL A 258 -9.89 23.93 17.39
N ASP A 259 -8.92 24.25 18.24
CA ASP A 259 -7.62 24.76 17.85
C ASP A 259 -6.80 23.62 17.28
N MET A 260 -6.69 23.46 15.95
CA MET A 260 -5.99 22.28 15.46
C MET A 260 -4.53 22.29 15.90
N GLY A 261 -3.90 23.44 15.73
CA GLY A 261 -2.52 23.64 16.14
C GLY A 261 -2.31 23.15 17.55
N VAL A 262 -3.12 23.58 18.52
CA VAL A 262 -2.85 23.06 19.86
C VAL A 262 -3.20 21.58 19.92
N THR A 263 -4.15 21.15 19.08
CA THR A 263 -4.57 19.75 19.06
C THR A 263 -3.43 18.87 18.53
N GLU A 264 -2.81 19.37 17.45
CA GLU A 264 -1.71 18.66 16.84
C GLU A 264 -0.50 18.63 17.76
N GLU A 265 -0.27 19.72 18.46
CA GLU A 265 0.79 19.87 19.46
C GLU A 265 0.79 18.71 20.45
N LEU A 266 -0.36 18.43 21.07
CA LEU A 266 -0.36 17.38 22.10
C LEU A 266 -0.35 15.98 21.50
N ALA A 267 -0.90 15.77 20.31
CA ALA A 267 -0.84 14.48 19.65
C ALA A 267 0.58 14.14 19.21
N MET A 268 1.37 15.14 18.85
CA MET A 268 2.80 14.99 18.63
C MET A 268 3.51 14.75 19.96
N LEU A 269 3.10 15.48 20.99
CA LEU A 269 3.58 15.28 22.35
C LEU A 269 3.33 13.85 22.81
N MET A 270 2.05 13.51 22.75
CA MET A 270 1.60 12.20 23.21
C MET A 270 2.25 11.08 22.42
N GLY A 271 2.42 11.26 21.11
CA GLY A 271 2.98 10.25 20.24
C GLY A 271 4.43 9.94 20.55
N GLU A 272 5.22 11.01 20.74
CA GLU A 272 6.63 10.87 21.08
C GLU A 272 6.79 10.05 22.35
N TYR A 273 6.06 10.42 23.39
CA TYR A 273 6.14 9.73 24.68
C TYR A 273 5.73 8.27 24.54
N PHE A 274 4.65 8.02 23.79
CA PHE A 274 4.21 6.65 23.57
C PHE A 274 5.34 5.81 22.99
N GLN A 275 5.99 6.37 21.99
CA GLN A 275 7.08 5.71 21.28
C GLN A 275 8.30 5.60 22.18
N VAL A 276 8.58 6.65 22.95
CA VAL A 276 9.72 6.56 23.86
C VAL A 276 9.48 5.41 24.85
N GLN A 277 8.25 5.36 25.32
CA GLN A 277 7.84 4.41 26.36
C GLN A 277 7.79 2.99 25.81
N ASP A 278 7.70 2.85 24.50
CA ASP A 278 7.66 1.58 23.81
C ASP A 278 9.06 1.06 23.45
N ASP A 279 9.99 2.01 23.36
CA ASP A 279 11.39 1.68 23.11
C ASP A 279 11.99 0.97 24.32
N VAL A 280 11.65 1.44 25.51
CA VAL A 280 12.15 0.86 26.74
C VAL A 280 11.51 -0.48 27.05
N MET A 281 10.19 -0.57 26.85
CA MET A 281 9.49 -1.84 27.03
C MET A 281 10.16 -2.89 26.16
N ASP A 282 10.49 -2.46 24.95
CA ASP A 282 11.13 -3.35 23.99
C ASP A 282 12.37 -3.99 24.59
N CYS A 283 13.37 -3.18 24.91
CA CYS A 283 14.64 -3.70 25.42
C CYS A 283 14.50 -4.20 26.85
N PHE A 284 13.42 -3.88 27.58
CA PHE A 284 13.45 -4.28 28.99
C PHE A 284 12.27 -5.15 29.45
N THR A 285 11.11 -4.99 28.84
CA THR A 285 9.94 -5.81 29.18
C THR A 285 10.11 -7.21 28.61
N PRO A 286 9.78 -8.23 29.40
CA PRO A 286 10.09 -9.61 28.99
C PRO A 286 9.39 -9.92 27.67
N PRO A 287 10.04 -10.72 26.84
CA PRO A 287 9.45 -11.05 25.52
C PRO A 287 8.04 -11.60 25.72
N GLU A 288 7.95 -12.43 26.74
CA GLU A 288 6.73 -13.10 27.20
C GLU A 288 5.64 -12.09 27.53
N ARG A 289 6.03 -11.04 28.25
CA ARG A 289 5.12 -9.98 28.70
C ARG A 289 4.99 -8.88 27.65
N LEU A 290 5.96 -8.84 26.74
CA LEU A 290 5.96 -7.86 25.68
C LEU A 290 5.30 -8.41 24.42
N GLY A 291 4.69 -9.59 24.54
CA GLY A 291 3.98 -10.23 23.45
C GLY A 291 4.80 -10.35 22.19
N LYS A 292 6.12 -10.45 22.34
CA LYS A 292 7.06 -10.54 21.23
C LYS A 292 8.49 -10.50 21.75
N VAL A 293 9.45 -10.67 20.84
CA VAL A 293 10.85 -10.70 21.26
C VAL A 293 11.64 -9.48 20.78
N GLY A 294 12.07 -8.64 21.73
CA GLY A 294 12.76 -7.40 21.49
C GLY A 294 13.88 -7.49 20.48
N THR A 295 13.64 -6.95 19.28
CA THR A 295 14.59 -6.97 18.18
C THR A 295 15.57 -5.79 18.23
N ASP A 296 15.07 -4.65 18.61
CA ASP A 296 15.63 -3.32 18.72
C ASP A 296 17.14 -3.30 18.87
N ILE A 297 17.67 -3.85 19.96
CA ILE A 297 19.12 -3.92 20.10
C ILE A 297 19.73 -4.81 19.02
N GLN A 298 19.17 -6.00 18.86
CA GLN A 298 19.60 -6.95 17.83
C GLN A 298 19.73 -6.26 16.47
N ASP A 299 18.64 -5.57 16.15
CA ASP A 299 18.47 -4.93 14.86
C ASP A 299 19.11 -3.55 14.86
N ALA A 300 19.81 -3.25 15.96
CA ALA A 300 20.54 -2.00 16.03
C ALA A 300 19.64 -0.82 15.72
N LYS A 301 18.47 -0.77 16.36
CA LYS A 301 17.54 0.31 16.02
C LYS A 301 17.92 1.60 16.75
N CYS A 302 17.31 2.67 16.26
CA CYS A 302 17.45 4.02 16.78
C CYS A 302 16.40 4.25 17.84
N SER A 303 16.46 3.48 18.91
CA SER A 303 15.52 3.68 20.01
C SER A 303 15.85 4.97 20.76
N TRP A 304 14.90 5.42 21.57
CA TRP A 304 15.10 6.54 22.46
C TRP A 304 16.27 6.23 23.40
N LEU A 305 16.36 4.95 23.73
CA LEU A 305 17.39 4.42 24.61
C LEU A 305 18.78 4.65 24.04
N ALA A 306 19.02 4.20 22.82
CA ALA A 306 20.33 4.42 22.20
C ALA A 306 20.64 5.91 22.07
N VAL A 307 19.71 6.72 21.57
CA VAL A 307 20.05 8.12 21.35
C VAL A 307 20.37 8.83 22.65
N THR A 308 19.78 8.35 23.74
CA THR A 308 19.98 9.04 25.02
C THR A 308 21.27 8.58 25.67
N PHE A 309 21.62 7.31 25.45
CA PHE A 309 22.91 6.78 25.86
C PHE A 309 24.07 7.43 25.09
N LEU A 310 24.08 7.36 23.77
CA LEU A 310 25.17 7.93 22.99
C LEU A 310 25.42 9.39 23.32
N ALA A 311 24.41 10.13 23.77
CA ALA A 311 24.54 11.56 23.99
C ALA A 311 25.18 11.90 25.34
N LYS A 312 25.14 11.01 26.32
CA LYS A 312 25.73 11.31 27.61
C LYS A 312 26.87 10.36 27.98
N ALA A 313 27.24 9.47 27.08
CA ALA A 313 28.21 8.43 27.42
C ALA A 313 29.66 8.84 27.17
N SER A 314 30.55 8.27 27.98
CA SER A 314 31.99 8.46 27.84
C SER A 314 32.48 7.92 26.52
N SER A 315 33.75 8.13 26.21
CA SER A 315 34.30 7.56 24.98
C SER A 315 34.33 6.03 25.10
N ALA A 316 34.63 5.59 26.32
CA ALA A 316 34.78 4.17 26.61
C ALA A 316 33.45 3.44 26.59
N GLN A 317 32.43 4.03 27.21
CA GLN A 317 31.11 3.41 27.27
C GLN A 317 30.55 3.22 25.86
N VAL A 318 30.91 4.15 25.01
CA VAL A 318 30.55 4.29 23.62
C VAL A 318 31.28 3.33 22.70
N ALA A 319 32.56 3.09 22.99
CA ALA A 319 33.33 2.13 22.22
C ALA A 319 32.71 0.73 22.32
N GLU A 320 32.23 0.43 23.53
CA GLU A 320 31.64 -0.84 23.88
C GLU A 320 30.27 -1.05 23.23
N PHE A 321 29.42 -0.03 23.30
CA PHE A 321 28.14 -0.03 22.60
C PHE A 321 28.37 -0.49 21.16
N LYS A 322 29.41 0.07 20.55
CA LYS A 322 29.66 -0.34 19.16
C LYS A 322 30.08 -1.80 19.13
N ALA A 323 30.83 -2.24 20.13
CA ALA A 323 31.37 -3.61 20.05
C ALA A 323 30.32 -4.65 20.41
N ASN A 324 29.09 -4.19 20.65
CA ASN A 324 28.02 -5.14 20.95
C ASN A 324 26.80 -4.92 20.07
N TYR A 325 26.12 -3.80 20.24
CA TYR A 325 24.87 -3.41 19.63
C TYR A 325 24.64 -3.98 18.24
N GLY A 326 23.42 -4.43 17.98
CA GLY A 326 23.01 -4.92 16.69
C GLY A 326 23.68 -6.24 16.35
N SER A 327 23.73 -7.10 17.35
CA SER A 327 24.32 -8.42 17.21
C SER A 327 23.40 -9.48 17.80
N GLY A 328 23.00 -10.43 16.95
CA GLY A 328 22.15 -11.53 17.43
C GLY A 328 22.88 -12.18 18.59
N ASP A 329 22.26 -12.23 19.77
CA ASP A 329 23.02 -12.75 20.92
C ASP A 329 22.22 -12.71 22.21
N SER A 330 22.72 -13.45 23.18
CA SER A 330 22.18 -13.49 24.52
C SER A 330 22.99 -12.61 25.46
N GLU A 331 24.30 -12.62 25.23
CA GLU A 331 25.28 -11.94 26.05
C GLU A 331 25.75 -10.60 25.49
N LYS A 332 25.82 -10.42 24.16
CA LYS A 332 26.23 -9.13 23.64
C LYS A 332 25.05 -8.16 23.63
N VAL A 333 23.84 -8.70 23.57
CA VAL A 333 22.60 -7.96 23.69
C VAL A 333 22.28 -7.67 25.15
N ALA A 334 23.12 -8.24 26.02
CA ALA A 334 22.94 -8.03 27.46
C ALA A 334 24.00 -7.07 27.98
N THR A 335 25.10 -6.91 27.24
CA THR A 335 26.06 -5.90 27.71
C THR A 335 25.47 -4.53 27.41
N VAL A 336 25.05 -4.33 26.16
CA VAL A 336 24.35 -3.16 25.65
C VAL A 336 23.22 -2.74 26.59
N ARG A 337 22.58 -3.74 27.21
CA ARG A 337 21.50 -3.54 28.17
C ARG A 337 22.05 -3.24 29.55
N ARG A 338 23.36 -3.40 29.72
CA ARG A 338 23.98 -3.09 31.01
C ARG A 338 24.32 -1.62 31.10
N LEU A 339 25.09 -1.11 30.12
CA LEU A 339 25.45 0.31 30.15
C LEU A 339 24.20 1.18 30.16
N TYR A 340 23.08 0.69 29.65
CA TYR A 340 21.85 1.48 29.83
C TYR A 340 21.60 1.69 31.33
N GLU A 341 21.63 0.62 32.11
CA GLU A 341 21.45 0.69 33.56
C GLU A 341 22.56 1.52 34.20
N GLU A 342 23.78 1.25 33.77
CA GLU A 342 24.97 1.95 34.25
C GLU A 342 24.96 3.43 33.87
N ALA A 343 24.44 3.73 32.68
CA ALA A 343 24.35 5.11 32.23
C ALA A 343 23.11 5.78 32.84
N ASP A 344 22.39 5.04 33.67
CA ASP A 344 21.22 5.56 34.35
C ASP A 344 20.19 6.14 33.40
N LEU A 345 19.90 5.40 32.33
CA LEU A 345 18.86 5.78 31.38
C LEU A 345 17.51 5.81 32.08
N GLN A 346 17.41 4.96 33.08
CA GLN A 346 16.25 4.69 33.89
C GLN A 346 15.73 5.92 34.63
N GLY A 347 16.63 6.88 34.88
CA GLY A 347 16.27 8.12 35.54
C GLY A 347 16.07 9.20 34.48
N ASP A 348 16.78 9.09 33.36
CA ASP A 348 16.57 9.98 32.24
C ASP A 348 15.12 9.91 31.75
N TYR A 349 14.61 8.68 31.70
CA TYR A 349 13.25 8.44 31.26
C TYR A 349 12.25 9.17 32.15
N VAL A 350 12.24 8.74 33.40
CA VAL A 350 11.47 9.30 34.50
C VAL A 350 11.38 10.82 34.39
N ALA A 351 12.52 11.44 34.09
CA ALA A 351 12.62 12.89 34.01
C ALA A 351 11.99 13.39 32.71
N TYR A 352 12.15 12.60 31.67
CA TYR A 352 11.59 12.89 30.36
C TYR A 352 10.06 12.83 30.41
N GLU A 353 9.59 11.72 30.96
CA GLU A 353 8.17 11.45 31.14
C GLU A 353 7.49 12.57 31.90
N ALA A 354 8.11 13.04 32.98
CA ALA A 354 7.59 14.11 33.83
C ALA A 354 7.53 15.43 33.07
N ALA A 355 8.57 15.76 32.31
CA ALA A 355 8.49 17.03 31.57
C ALA A 355 7.33 16.97 30.58
N VAL A 356 7.12 15.81 29.98
CA VAL A 356 6.01 15.62 29.05
C VAL A 356 4.65 15.74 29.73
N ALA A 357 4.44 14.98 30.81
CA ALA A 357 3.16 14.97 31.50
C ALA A 357 2.68 16.36 31.88
N GLU A 358 3.63 17.27 32.10
CA GLU A 358 3.28 18.63 32.51
C GLU A 358 3.05 19.52 31.29
N GLN A 359 3.83 19.29 30.25
CA GLN A 359 3.65 20.02 29.00
C GLN A 359 2.33 19.63 28.36
N VAL A 360 2.03 18.33 28.48
CA VAL A 360 0.73 17.84 28.00
C VAL A 360 -0.40 18.51 28.77
N LYS A 361 -0.31 18.39 30.09
CA LYS A 361 -1.25 18.91 31.07
C LYS A 361 -1.67 20.34 30.76
N GLU A 362 -0.71 21.12 30.27
CA GLU A 362 -0.91 22.53 29.96
C GLU A 362 -1.76 22.73 28.72
N LEU A 363 -1.31 22.03 27.67
CA LEU A 363 -2.03 22.15 26.40
C LEU A 363 -3.47 21.69 26.57
N ILE A 364 -3.70 20.68 27.41
CA ILE A 364 -5.08 20.21 27.61
C ILE A 364 -5.90 21.36 28.19
N GLU A 365 -5.30 22.12 29.11
CA GLU A 365 -6.08 23.22 29.69
C GLU A 365 -6.36 24.29 28.65
N LYS A 366 -5.38 24.52 27.76
CA LYS A 366 -5.66 25.51 26.73
C LYS A 366 -6.82 25.03 25.85
N LEU A 367 -7.02 23.72 25.78
CA LEU A 367 -8.07 23.15 24.96
C LEU A 367 -9.44 23.30 25.61
N ARG A 368 -9.49 23.31 26.93
CA ARG A 368 -10.72 23.42 27.68
C ARG A 368 -11.43 24.74 27.50
N LEU A 369 -10.64 25.78 27.26
CA LEU A 369 -11.12 27.15 27.16
C LEU A 369 -12.15 27.32 26.05
N CYS A 370 -12.25 26.37 25.12
CA CYS A 370 -13.27 26.47 24.08
C CYS A 370 -13.91 25.12 23.82
N SER A 371 -13.11 24.07 23.85
CA SER A 371 -13.57 22.72 23.52
C SER A 371 -13.41 21.77 24.69
N PRO A 372 -14.22 21.95 25.73
CA PRO A 372 -14.07 21.15 26.94
C PRO A 372 -14.47 19.69 26.71
N GLY A 373 -15.58 19.46 26.00
CA GLY A 373 -15.94 18.08 25.68
C GLY A 373 -14.79 17.45 24.92
N PHE A 374 -14.32 18.16 23.89
CA PHE A 374 -13.13 17.69 23.20
C PHE A 374 -11.98 17.51 24.18
N ALA A 375 -11.72 18.53 24.99
CA ALA A 375 -10.53 18.49 25.85
C ALA A 375 -10.55 17.26 26.75
N ALA A 376 -11.76 16.84 27.10
CA ALA A 376 -11.92 15.73 28.03
C ALA A 376 -11.51 14.40 27.39
N SER A 377 -11.98 14.13 26.18
CA SER A 377 -11.68 12.91 25.47
C SER A 377 -10.18 12.70 25.27
N VAL A 378 -9.46 13.81 25.29
CA VAL A 378 -8.01 13.90 25.12
C VAL A 378 -7.30 13.59 26.45
N GLU A 379 -7.98 13.91 27.54
CA GLU A 379 -7.51 13.50 28.87
C GLU A 379 -7.64 11.99 29.01
N THR A 380 -8.80 11.51 28.55
CA THR A 380 -8.99 10.06 28.58
C THR A 380 -7.91 9.38 27.75
N LEU A 381 -7.63 9.88 26.56
CA LEU A 381 -6.58 9.32 25.71
C LEU A 381 -5.22 9.45 26.38
N TRP A 382 -4.97 10.63 26.97
CA TRP A 382 -3.73 10.87 27.67
C TRP A 382 -3.62 9.91 28.85
N GLY A 383 -4.69 9.84 29.64
CA GLY A 383 -4.77 8.92 30.75
C GLY A 383 -4.59 7.48 30.34
N LYS A 384 -4.67 7.12 29.06
CA LYS A 384 -4.49 5.73 28.65
C LYS A 384 -3.08 5.49 28.10
N THR A 385 -2.36 6.61 27.97
CA THR A 385 -0.99 6.67 27.51
C THR A 385 -0.03 6.66 28.69
N TYR A 386 -0.16 7.65 29.56
CA TYR A 386 0.61 7.81 30.77
C TYR A 386 0.58 6.54 31.64
N LYS A 387 -0.64 6.08 31.87
CA LYS A 387 -0.99 4.87 32.59
C LYS A 387 -0.83 3.65 31.68
N ARG A 388 0.41 3.37 31.32
CA ARG A 388 0.76 2.35 30.34
C ARG A 388 1.73 1.33 30.89
N GLN A 389 1.25 0.09 30.97
CA GLN A 389 1.99 -1.05 31.48
C GLN A 389 1.86 -2.25 30.54
N LYS A 390 1.01 -2.10 29.55
CA LYS A 390 0.77 -3.04 28.46
C LYS A 390 2.09 -3.48 27.82
N MET B 24 4.60 15.11 -29.35
CA MET B 24 3.63 16.08 -28.82
C MET B 24 3.08 15.64 -27.48
N PRO B 25 2.53 14.43 -27.37
CA PRO B 25 1.95 14.03 -26.07
C PRO B 25 3.05 13.80 -25.04
N MET B 26 4.11 13.12 -25.47
CA MET B 26 5.22 12.85 -24.58
C MET B 26 5.78 14.15 -24.00
N GLN B 27 5.70 15.18 -24.82
CA GLN B 27 6.18 16.51 -24.48
C GLN B 27 5.51 17.01 -23.20
N MET B 28 4.19 17.15 -23.21
CA MET B 28 3.48 17.73 -22.08
C MET B 28 3.57 16.83 -20.84
N PHE B 29 3.24 15.57 -21.06
CA PHE B 29 3.32 14.50 -20.09
C PHE B 29 4.57 14.63 -19.23
N MET B 30 5.72 14.54 -19.89
CA MET B 30 7.01 14.71 -19.23
C MET B 30 7.17 16.06 -18.57
N GLN B 31 6.52 17.09 -19.12
CA GLN B 31 6.47 18.38 -18.45
C GLN B 31 5.73 18.25 -17.11
N VAL B 32 4.56 17.62 -17.19
CA VAL B 32 3.68 17.41 -16.04
C VAL B 32 4.37 16.50 -15.03
N TYR B 33 5.14 15.51 -15.50
CA TYR B 33 5.94 14.71 -14.59
C TYR B 33 6.80 15.62 -13.71
N ASP B 34 7.46 16.58 -14.36
CA ASP B 34 8.42 17.44 -13.68
C ASP B 34 7.69 18.33 -12.67
N GLU B 35 6.47 18.68 -13.08
CA GLU B 35 5.56 19.45 -12.26
C GLU B 35 5.16 18.66 -11.02
N ILE B 36 4.60 17.48 -11.25
CA ILE B 36 4.23 16.57 -10.16
C ILE B 36 5.45 16.39 -9.26
N GLN B 37 6.56 15.97 -9.83
CA GLN B 37 7.72 15.65 -9.01
C GLN B 37 8.19 16.83 -8.18
N MET B 38 8.17 18.01 -8.79
CA MET B 38 8.62 19.19 -8.04
C MET B 38 7.76 19.36 -6.79
N PHE B 39 6.45 19.20 -7.00
CA PHE B 39 5.50 19.36 -5.91
C PHE B 39 5.75 18.30 -4.86
N LEU B 40 5.98 17.04 -5.25
CA LEU B 40 6.08 16.05 -4.17
C LEU B 40 7.33 16.29 -3.34
N LEU B 41 8.48 16.34 -4.01
CA LEU B 41 9.76 16.52 -3.33
C LEU B 41 9.82 17.79 -2.49
N GLU B 42 9.23 18.85 -3.03
CA GLU B 42 9.24 20.13 -2.31
C GLU B 42 8.31 20.12 -1.12
N GLU B 43 7.28 19.28 -1.16
CA GLU B 43 6.39 19.23 0.00
C GLU B 43 7.05 18.50 1.15
N LEU B 44 7.86 17.50 0.82
CA LEU B 44 8.51 16.68 1.84
C LEU B 44 9.55 17.48 2.60
N GLU B 45 10.10 18.50 1.95
CA GLU B 45 11.14 19.36 2.49
C GLU B 45 10.57 20.33 3.53
N LEU B 46 9.49 21.02 3.18
CA LEU B 46 8.86 22.01 4.04
C LEU B 46 8.05 21.40 5.17
N LYS B 47 7.13 20.49 4.82
CA LYS B 47 6.20 19.94 5.79
C LYS B 47 6.63 18.64 6.42
N PHE B 48 7.55 17.86 5.84
CA PHE B 48 7.88 16.59 6.50
C PHE B 48 9.29 16.58 7.06
N ASP B 49 9.94 17.73 7.06
CA ASP B 49 11.24 17.93 7.68
C ASP B 49 12.32 17.05 7.07
N MET B 50 12.26 16.85 5.76
CA MET B 50 13.21 15.92 5.16
C MET B 50 14.51 16.63 4.78
N ASP B 51 15.60 15.89 4.95
CA ASP B 51 16.91 16.33 4.52
C ASP B 51 17.06 16.22 3.00
N PRO B 52 18.00 17.00 2.46
CA PRO B 52 18.28 16.98 1.02
C PRO B 52 18.67 15.59 0.52
N ASN B 53 19.28 14.81 1.40
CA ASN B 53 19.73 13.45 1.11
C ASN B 53 18.56 12.49 0.88
N ARG B 54 17.68 12.39 1.88
CA ARG B 54 16.56 11.46 1.76
C ARG B 54 15.67 11.87 0.60
N VAL B 55 15.69 13.17 0.33
CA VAL B 55 15.02 13.74 -0.84
C VAL B 55 15.80 13.39 -2.09
N ARG B 56 17.11 13.18 -1.92
CA ARG B 56 17.91 12.69 -3.03
C ARG B 56 17.43 11.28 -3.39
N TYR B 57 17.47 10.41 -2.39
CA TYR B 57 17.04 9.02 -2.49
C TYR B 57 15.69 8.96 -3.20
N LEU B 58 14.72 9.65 -2.61
CA LEU B 58 13.35 9.62 -3.09
C LEU B 58 13.22 10.12 -4.52
N ARG B 59 14.09 10.99 -5.01
CA ARG B 59 13.90 11.43 -6.40
C ARG B 59 14.49 10.42 -7.37
N LYS B 60 15.55 9.73 -6.92
CA LYS B 60 16.06 8.63 -7.73
C LYS B 60 15.08 7.46 -7.72
N MET B 61 14.52 7.13 -6.56
CA MET B 61 13.52 6.08 -6.44
C MET B 61 12.37 6.29 -7.43
N MET B 62 11.88 7.52 -7.45
CA MET B 62 10.79 7.95 -8.32
C MET B 62 11.15 7.81 -9.80
N ASP B 63 12.29 8.39 -10.18
CA ASP B 63 12.71 8.39 -11.57
C ASP B 63 12.90 6.95 -12.06
N THR B 64 13.58 6.17 -11.23
CA THR B 64 13.95 4.80 -11.52
C THR B 64 12.75 3.88 -11.61
N THR B 65 11.83 4.05 -10.68
CA THR B 65 10.64 3.22 -10.59
C THR B 65 9.52 3.70 -11.50
N CYS B 66 9.49 5.00 -11.78
CA CYS B 66 8.40 5.55 -12.60
C CYS B 66 8.82 5.90 -14.00
N LEU B 67 10.04 5.58 -14.43
CA LEU B 67 10.44 6.01 -15.77
C LEU B 67 11.26 4.94 -16.50
N GLY B 68 11.18 5.01 -17.82
CA GLY B 68 11.87 4.08 -18.69
C GLY B 68 10.94 3.11 -19.40
N GLY B 69 9.65 3.45 -19.46
CA GLY B 69 8.64 2.67 -20.13
C GLY B 69 8.17 3.34 -21.40
N LYS B 70 7.10 2.82 -21.99
CA LYS B 70 6.57 3.47 -23.20
C LYS B 70 5.27 4.21 -22.87
N TYR B 71 4.96 4.24 -21.59
CA TYR B 71 3.93 4.99 -20.92
C TYR B 71 2.57 4.88 -21.61
N ASN B 72 2.27 3.73 -22.19
CA ASN B 72 1.04 3.59 -22.96
C ASN B 72 -0.20 3.71 -22.10
N ARG B 73 -0.07 3.53 -20.79
CA ARG B 73 -1.22 3.63 -19.87
C ARG B 73 -1.55 5.09 -19.57
N GLY B 74 -0.56 5.90 -19.16
CA GLY B 74 -0.84 7.31 -18.92
C GLY B 74 -1.24 8.06 -20.18
N LEU B 75 -0.58 7.74 -21.27
CA LEU B 75 -0.72 8.33 -22.59
C LEU B 75 -2.10 8.14 -23.17
N THR B 76 -2.66 6.98 -22.89
CA THR B 76 -4.01 6.63 -23.33
C THR B 76 -5.00 7.64 -22.79
N VAL B 77 -4.82 8.01 -21.53
CA VAL B 77 -5.65 8.97 -20.83
C VAL B 77 -5.70 10.30 -21.59
N ILE B 78 -4.54 10.75 -22.05
CA ILE B 78 -4.41 12.01 -22.75
C ILE B 78 -5.10 11.98 -24.10
N ASP B 79 -4.88 10.88 -24.83
CA ASP B 79 -5.50 10.70 -26.14
C ASP B 79 -7.02 10.64 -26.00
N VAL B 80 -7.50 9.78 -25.10
CA VAL B 80 -8.93 9.60 -24.89
C VAL B 80 -9.57 10.93 -24.52
N ALA B 81 -8.83 11.66 -23.67
CA ALA B 81 -9.29 12.97 -23.24
C ALA B 81 -9.42 13.90 -24.44
N GLU B 82 -8.35 13.96 -25.23
CA GLU B 82 -8.35 14.88 -26.36
C GLU B 82 -9.45 14.53 -27.36
N SER B 83 -9.67 13.22 -27.53
CA SER B 83 -10.62 12.72 -28.50
C SER B 83 -12.06 12.96 -28.05
N LEU B 84 -12.29 13.20 -26.77
CA LEU B 84 -13.62 13.49 -26.27
C LEU B 84 -13.85 15.00 -26.09
N LEU B 85 -12.84 15.79 -26.32
CA LEU B 85 -12.79 17.25 -26.20
C LEU B 85 -13.49 17.91 -27.39
N SER B 86 -14.81 18.02 -27.33
CA SER B 86 -15.66 18.62 -28.33
C SER B 86 -17.10 18.11 -28.18
N LEU B 87 -17.33 17.35 -27.12
CA LEU B 87 -18.64 16.80 -26.78
C LEU B 87 -19.54 17.84 -26.11
N SER B 88 -19.19 19.10 -26.29
CA SER B 88 -19.85 20.30 -25.81
C SER B 88 -19.34 20.69 -24.42
N GLU B 95 -17.70 29.00 -30.84
CA GLU B 95 -16.86 28.08 -31.59
C GLU B 95 -15.91 27.31 -30.65
N ASP B 96 -15.44 28.01 -29.63
CA ASP B 96 -14.64 27.50 -28.53
C ASP B 96 -13.80 28.61 -27.88
N ASP B 97 -12.74 28.16 -27.24
CA ASP B 97 -11.80 28.81 -26.36
C ASP B 97 -10.36 28.39 -26.63
N GLY B 98 -9.97 27.31 -25.97
CA GLY B 98 -8.64 26.73 -25.99
C GLY B 98 -8.13 26.54 -24.57
N ALA B 99 -8.87 27.13 -23.63
CA ALA B 99 -8.60 27.04 -22.21
C ALA B 99 -9.11 25.72 -21.63
N ARG B 100 -10.33 25.34 -21.99
CA ARG B 100 -10.86 24.03 -21.65
C ARG B 100 -9.82 22.97 -22.00
N ARG B 101 -9.38 23.02 -23.24
CA ARG B 101 -8.35 22.19 -23.83
C ARG B 101 -7.15 22.03 -22.90
N LYS B 102 -6.56 23.16 -22.50
CA LYS B 102 -5.41 23.13 -21.62
C LYS B 102 -5.78 22.57 -20.25
N ARG B 103 -7.01 22.78 -19.81
CA ARG B 103 -7.41 22.30 -18.49
C ARG B 103 -7.57 20.79 -18.48
N VAL B 104 -8.39 20.29 -19.40
CA VAL B 104 -8.65 18.85 -19.48
C VAL B 104 -7.37 18.07 -19.75
N LEU B 105 -6.50 18.57 -20.61
CA LEU B 105 -5.29 17.88 -21.05
C LEU B 105 -4.19 17.87 -19.98
N HIS B 106 -4.21 18.82 -19.04
CA HIS B 106 -3.33 18.76 -17.88
C HIS B 106 -3.89 17.76 -16.88
N ASP B 107 -5.19 17.81 -16.67
CA ASP B 107 -5.87 16.83 -15.84
C ASP B 107 -5.59 15.41 -16.33
N ALA B 108 -5.65 15.23 -17.65
CA ALA B 108 -5.39 13.93 -18.25
C ALA B 108 -3.94 13.51 -18.02
N CYS B 109 -2.98 14.44 -18.00
CA CYS B 109 -1.59 14.07 -17.75
C CYS B 109 -1.41 13.64 -16.31
N VAL B 110 -2.17 14.30 -15.44
CA VAL B 110 -2.05 14.02 -14.01
C VAL B 110 -2.65 12.67 -13.69
N CYS B 111 -3.85 12.38 -14.18
CA CYS B 111 -4.36 11.02 -14.00
C CYS B 111 -3.38 10.03 -14.62
N GLY B 112 -2.88 10.34 -15.83
CA GLY B 112 -1.93 9.50 -16.52
C GLY B 112 -0.80 9.09 -15.61
N TRP B 113 -0.23 10.07 -14.90
CA TRP B 113 0.84 9.75 -13.95
C TRP B 113 0.32 9.06 -12.69
N MET B 114 -0.95 9.25 -12.35
CA MET B 114 -1.48 8.48 -11.22
C MET B 114 -1.45 7.01 -11.57
N ILE B 115 -1.79 6.71 -12.83
CA ILE B 115 -1.81 5.32 -13.26
C ILE B 115 -0.40 4.71 -13.27
N GLU B 116 0.55 5.47 -13.80
CA GLU B 116 1.94 5.03 -13.87
C GLU B 116 2.59 4.91 -12.50
N PHE B 117 2.17 5.70 -11.51
CA PHE B 117 2.77 5.55 -10.19
C PHE B 117 2.17 4.35 -9.46
N LEU B 118 0.89 4.12 -9.77
CA LEU B 118 0.17 2.99 -9.20
C LEU B 118 0.89 1.73 -9.66
N GLN B 119 1.10 1.64 -10.97
CA GLN B 119 1.81 0.50 -11.52
C GLN B 119 3.20 0.35 -10.92
N ALA B 120 3.92 1.47 -10.88
CA ALA B 120 5.27 1.47 -10.33
C ALA B 120 5.26 0.84 -8.94
N HIS B 121 4.19 1.14 -8.20
CA HIS B 121 4.05 0.60 -6.85
C HIS B 121 3.93 -0.93 -6.87
N TYR B 122 3.02 -1.41 -7.70
CA TYR B 122 2.75 -2.83 -7.89
C TYR B 122 3.96 -3.57 -8.43
N LEU B 123 4.68 -2.94 -9.34
CA LEU B 123 5.88 -3.53 -9.93
C LEU B 123 6.99 -3.66 -8.90
N VAL B 124 7.20 -2.62 -8.07
CA VAL B 124 8.26 -2.71 -7.07
C VAL B 124 7.95 -3.84 -6.09
N GLU B 125 6.68 -3.99 -5.76
CA GLU B 125 6.24 -4.98 -4.79
C GLU B 125 6.20 -6.41 -5.37
N ASP B 126 5.95 -6.50 -6.67
CA ASP B 126 5.89 -7.78 -7.38
C ASP B 126 7.27 -8.34 -7.67
N ASP B 127 8.27 -7.48 -7.86
CA ASP B 127 9.62 -8.05 -8.09
C ASP B 127 10.15 -8.65 -6.80
N ILE B 128 9.86 -7.98 -5.70
CA ILE B 128 10.13 -8.44 -4.35
C ILE B 128 9.35 -9.72 -4.08
N MET B 129 8.06 -9.69 -4.38
CA MET B 129 7.24 -10.89 -4.22
C MET B 129 7.71 -12.00 -5.15
N ASP B 130 8.02 -11.64 -6.39
CA ASP B 130 8.37 -12.60 -7.43
C ASP B 130 9.87 -12.90 -7.44
N ASN B 131 10.65 -12.26 -6.58
CA ASN B 131 12.08 -12.53 -6.53
C ASN B 131 12.74 -12.40 -7.90
N SER B 132 12.20 -11.54 -8.75
CA SER B 132 12.79 -11.18 -10.02
C SER B 132 14.14 -10.49 -9.81
N VAL B 133 14.94 -10.31 -10.86
CA VAL B 133 16.26 -9.71 -10.65
C VAL B 133 16.51 -8.51 -11.56
N THR B 134 15.77 -8.49 -12.67
CA THR B 134 15.90 -7.48 -13.71
C THR B 134 14.55 -6.89 -14.09
N ARG B 135 14.53 -5.62 -14.48
CA ARG B 135 13.30 -5.07 -15.03
C ARG B 135 13.65 -3.97 -16.02
N ARG B 136 13.24 -4.17 -17.28
CA ARG B 136 13.49 -3.11 -18.26
C ARG B 136 14.98 -2.87 -18.44
N GLY B 137 15.78 -3.92 -18.45
CA GLY B 137 17.21 -3.78 -18.66
C GLY B 137 17.94 -3.35 -17.41
N LYS B 138 17.20 -2.84 -16.43
CA LYS B 138 17.87 -2.43 -15.20
C LYS B 138 17.47 -3.38 -14.07
N PRO B 139 18.30 -3.45 -13.05
CA PRO B 139 17.96 -4.29 -11.89
C PRO B 139 16.68 -3.76 -11.24
N CYS B 140 15.92 -4.68 -10.68
CA CYS B 140 14.70 -4.29 -9.96
C CYS B 140 15.09 -3.27 -8.90
N TRP B 141 14.16 -2.44 -8.46
CA TRP B 141 14.50 -1.43 -7.46
C TRP B 141 15.14 -2.07 -6.22
N TYR B 142 14.48 -3.14 -5.77
CA TYR B 142 14.91 -3.79 -4.53
C TYR B 142 16.28 -4.44 -4.70
N ARG B 143 16.68 -4.66 -5.94
CA ARG B 143 18.00 -5.25 -6.20
C ARG B 143 18.99 -4.17 -6.63
N HIS B 144 18.79 -2.97 -6.09
CA HIS B 144 19.74 -1.89 -6.29
C HIS B 144 20.77 -1.93 -5.16
N PRO B 145 22.05 -1.75 -5.49
CA PRO B 145 23.13 -1.72 -4.51
C PRO B 145 22.77 -1.01 -3.23
N ASP B 146 22.23 0.23 -3.27
CA ASP B 146 21.86 0.77 -1.96
C ASP B 146 20.37 0.59 -1.64
N VAL B 147 19.67 -0.30 -2.32
CA VAL B 147 18.28 -0.41 -1.86
C VAL B 147 18.14 -1.65 -1.01
N THR B 148 17.71 -1.47 0.24
CA THR B 148 17.43 -2.68 1.02
C THR B 148 15.99 -3.08 0.72
N VAL B 149 15.65 -4.35 0.83
CA VAL B 149 14.26 -4.75 0.52
C VAL B 149 13.27 -4.20 1.54
N GLN B 150 13.70 -4.10 2.81
CA GLN B 150 12.82 -3.49 3.81
C GLN B 150 12.49 -2.06 3.38
N CYS B 151 13.50 -1.36 2.87
CA CYS B 151 13.25 0.00 2.40
C CYS B 151 12.49 -0.03 1.08
N ALA B 152 12.83 -1.02 0.25
CA ALA B 152 12.16 -1.14 -1.04
C ALA B 152 10.64 -1.30 -0.84
N ILE B 153 10.29 -2.20 0.09
CA ILE B 153 8.88 -2.48 0.36
C ILE B 153 8.13 -1.18 0.64
N ASN B 154 8.68 -0.36 1.52
CA ASN B 154 8.13 0.94 1.89
C ASN B 154 8.23 1.94 0.75
N ASP B 155 9.27 1.81 -0.07
CA ASP B 155 9.35 2.70 -1.23
C ASP B 155 8.14 2.49 -2.13
N GLY B 156 7.70 1.24 -2.29
CA GLY B 156 6.49 0.92 -3.02
C GLY B 156 5.28 1.61 -2.44
N LEU B 157 5.11 1.54 -1.13
CA LEU B 157 4.00 2.22 -0.46
C LEU B 157 4.05 3.73 -0.72
N LEU B 158 5.24 4.32 -0.65
CA LEU B 158 5.47 5.72 -0.97
C LEU B 158 4.93 6.06 -2.35
N LEU B 159 5.26 5.26 -3.36
CA LEU B 159 4.70 5.48 -4.69
C LEU B 159 3.19 5.51 -4.68
N LYS B 160 2.60 4.55 -3.96
CA LYS B 160 1.13 4.56 -3.95
C LYS B 160 0.65 5.85 -3.30
N SER B 161 1.18 6.16 -2.12
CA SER B 161 0.83 7.40 -1.43
C SER B 161 0.93 8.61 -2.34
N TRP B 162 1.94 8.61 -3.20
CA TRP B 162 2.09 9.74 -4.13
C TRP B 162 0.89 9.92 -5.04
N THR B 163 0.22 8.86 -5.49
CA THR B 163 -0.97 9.00 -6.34
C THR B 163 -2.09 9.78 -5.64
N HIS B 164 -2.30 9.57 -4.34
CA HIS B 164 -3.29 10.36 -3.60
C HIS B 164 -2.81 11.80 -3.39
N MET B 165 -1.52 11.93 -3.12
CA MET B 165 -0.97 13.27 -2.90
C MET B 165 -1.10 14.06 -4.19
N MET B 166 -0.63 13.55 -5.33
CA MET B 166 -0.81 14.36 -6.54
C MET B 166 -2.28 14.54 -6.86
N ALA B 167 -3.15 13.55 -6.68
CA ALA B 167 -4.58 13.75 -6.91
C ALA B 167 -5.17 14.90 -6.12
N MET B 168 -4.87 15.03 -4.84
CA MET B 168 -5.55 16.09 -4.09
C MET B 168 -4.97 17.45 -4.43
N HIS B 169 -3.67 17.46 -4.72
CA HIS B 169 -3.01 18.70 -5.08
C HIS B 169 -3.60 19.26 -6.38
N PHE B 170 -3.83 18.42 -7.37
CA PHE B 170 -4.28 18.98 -8.65
C PHE B 170 -5.79 19.04 -8.77
N PHE B 171 -6.55 18.16 -8.13
CA PHE B 171 -7.99 18.11 -8.38
C PHE B 171 -8.87 18.50 -7.19
N ALA B 172 -8.33 19.24 -6.23
CA ALA B 172 -9.06 19.63 -5.02
C ALA B 172 -10.37 20.35 -5.35
N ASP B 173 -10.30 21.26 -6.33
CA ASP B 173 -11.41 22.07 -6.77
C ASP B 173 -12.12 21.47 -7.98
N ARG B 174 -11.96 20.16 -8.18
CA ARG B 174 -12.69 19.56 -9.30
C ARG B 174 -13.93 18.84 -8.79
N PRO B 175 -15.06 19.11 -9.44
CA PRO B 175 -16.30 18.43 -9.05
C PRO B 175 -16.20 16.93 -9.21
N PHE B 176 -15.26 16.47 -10.05
CA PHE B 176 -15.19 15.03 -10.32
C PHE B 176 -14.32 14.26 -9.32
N LEU B 177 -13.63 14.94 -8.41
CA LEU B 177 -12.65 14.34 -7.52
C LEU B 177 -13.17 13.08 -6.85
N GLN B 178 -14.32 13.21 -6.21
CA GLN B 178 -14.97 12.13 -5.48
C GLN B 178 -15.07 10.87 -6.33
N ASP B 179 -15.60 11.02 -7.53
CA ASP B 179 -15.79 9.90 -8.45
C ASP B 179 -14.49 9.46 -9.10
N LEU B 180 -13.50 10.34 -9.25
CA LEU B 180 -12.21 9.94 -9.79
C LEU B 180 -11.53 8.96 -8.83
N LEU B 181 -11.45 9.38 -7.57
CA LEU B 181 -10.74 8.56 -6.59
C LEU B 181 -11.51 7.30 -6.23
N CYS B 182 -12.84 7.38 -6.16
CA CYS B 182 -13.55 6.13 -5.85
C CYS B 182 -13.31 5.07 -6.91
N ARG B 183 -13.24 5.46 -8.18
CA ARG B 183 -12.97 4.50 -9.24
C ARG B 183 -11.50 4.10 -9.24
N PHE B 184 -10.63 5.07 -8.97
CA PHE B 184 -9.20 4.76 -8.95
C PHE B 184 -8.90 3.73 -7.87
N ASN B 185 -9.44 3.94 -6.67
CA ASN B 185 -9.25 3.05 -5.53
C ASN B 185 -9.83 1.66 -5.76
N ARG B 186 -10.96 1.59 -6.45
CA ARG B 186 -11.57 0.31 -6.80
C ARG B 186 -10.68 -0.51 -7.73
N VAL B 187 -9.99 0.13 -8.67
CA VAL B 187 -9.04 -0.59 -9.52
C VAL B 187 -7.75 -0.89 -8.77
N ASP B 188 -7.36 -0.04 -7.82
CA ASP B 188 -6.22 -0.38 -6.97
C ASP B 188 -6.50 -1.74 -6.30
N TYR B 189 -7.56 -1.83 -5.53
CA TYR B 189 -8.11 -2.99 -4.86
C TYR B 189 -8.20 -4.24 -5.75
N THR B 190 -8.80 -4.04 -6.90
CA THR B 190 -9.02 -4.96 -7.98
C THR B 190 -7.72 -5.61 -8.44
N THR B 191 -6.68 -4.79 -8.48
CA THR B 191 -5.34 -5.23 -8.84
C THR B 191 -4.70 -6.07 -7.74
N ALA B 192 -4.93 -5.73 -6.47
CA ALA B 192 -4.41 -6.49 -5.35
C ALA B 192 -5.06 -7.87 -5.25
N VAL B 193 -6.34 -7.93 -5.58
CA VAL B 193 -7.08 -9.21 -5.65
C VAL B 193 -6.46 -10.07 -6.73
N GLY B 194 -6.18 -9.46 -7.88
CA GLY B 194 -5.52 -10.14 -8.98
C GLY B 194 -4.23 -10.79 -8.48
N GLN B 195 -3.43 -9.99 -7.80
CA GLN B 195 -2.17 -10.40 -7.20
C GLN B 195 -2.39 -11.54 -6.21
N LEU B 196 -3.52 -11.56 -5.51
CA LEU B 196 -3.70 -12.72 -4.62
C LEU B 196 -4.03 -13.93 -5.48
N TYR B 197 -4.72 -13.73 -6.61
CA TYR B 197 -5.05 -14.85 -7.48
C TYR B 197 -3.79 -15.49 -8.06
N ASP B 198 -2.99 -14.67 -8.71
CA ASP B 198 -1.70 -15.06 -9.25
C ASP B 198 -0.88 -15.90 -8.29
N VAL B 199 -0.74 -15.41 -7.07
CA VAL B 199 0.18 -15.93 -6.06
C VAL B 199 -0.39 -17.09 -5.28
N THR B 200 -1.66 -17.44 -5.48
CA THR B 200 -2.21 -18.61 -4.80
C THR B 200 -2.57 -19.67 -5.82
N SER B 201 -1.94 -19.60 -6.99
CA SER B 201 -2.37 -20.47 -8.09
C SER B 201 -1.58 -21.75 -8.20
N MET B 202 -0.39 -21.80 -7.62
CA MET B 202 0.37 -23.05 -7.72
C MET B 202 -0.08 -24.02 -6.64
N PHE B 203 -1.01 -23.58 -5.79
CA PHE B 203 -1.45 -24.43 -4.69
C PHE B 203 -2.89 -24.88 -4.76
N ASP B 204 -3.15 -25.97 -4.03
CA ASP B 204 -4.49 -26.51 -3.92
C ASP B 204 -5.37 -25.62 -3.07
N SER B 205 -6.27 -24.86 -3.69
CA SER B 205 -7.16 -23.96 -2.97
C SER B 205 -7.92 -24.65 -1.84
N ASN B 206 -8.12 -25.96 -1.92
CA ASN B 206 -8.75 -26.66 -0.82
C ASN B 206 -7.85 -26.63 0.40
N LYS B 207 -6.56 -26.46 0.13
CA LYS B 207 -5.53 -26.52 1.15
C LYS B 207 -4.98 -25.13 1.50
N LEU B 208 -5.76 -24.12 1.15
CA LEU B 208 -5.41 -22.73 1.44
C LEU B 208 -5.85 -22.33 2.84
N ASP B 209 -5.10 -22.78 3.84
CA ASP B 209 -5.34 -22.44 5.23
C ASP B 209 -4.01 -22.06 5.88
N PRO B 210 -3.90 -20.79 6.25
CA PRO B 210 -2.70 -20.19 6.81
C PRO B 210 -2.10 -20.89 8.03
N ASP B 211 -2.70 -21.95 8.57
CA ASP B 211 -2.08 -22.65 9.68
C ASP B 211 -1.14 -23.76 9.23
N VAL B 212 -1.40 -24.36 8.06
CA VAL B 212 -0.56 -25.47 7.59
C VAL B 212 0.46 -25.01 6.56
N SER B 213 1.35 -25.88 6.14
CA SER B 213 2.47 -25.58 5.24
C SER B 213 2.02 -25.35 3.80
N GLN B 214 2.97 -25.00 2.93
CA GLN B 214 2.62 -24.64 1.56
C GLN B 214 3.34 -25.48 0.52
N PRO B 215 2.72 -26.60 0.18
CA PRO B 215 3.23 -27.56 -0.81
C PRO B 215 2.69 -27.31 -2.20
N THR B 216 3.53 -26.76 -3.09
CA THR B 216 3.11 -26.42 -4.44
C THR B 216 2.65 -27.68 -5.19
N THR B 217 1.46 -27.53 -5.77
CA THR B 217 0.76 -28.58 -6.50
C THR B 217 1.63 -29.19 -7.59
N THR B 218 1.29 -30.43 -7.92
CA THR B 218 2.02 -31.24 -8.87
C THR B 218 1.04 -31.90 -9.84
N ASP B 219 -0.23 -31.81 -9.42
CA ASP B 219 -1.33 -32.23 -10.27
C ASP B 219 -1.64 -31.12 -11.27
N PHE B 220 -1.17 -29.91 -10.93
CA PHE B 220 -1.43 -28.73 -11.73
C PHE B 220 -2.91 -28.61 -12.10
N ALA B 221 -3.78 -29.03 -11.20
CA ALA B 221 -5.22 -29.04 -11.41
C ALA B 221 -5.84 -27.65 -11.26
N GLU B 222 -4.95 -26.66 -11.06
CA GLU B 222 -5.38 -25.27 -11.04
C GLU B 222 -4.68 -24.49 -12.15
N PHE B 223 -4.00 -25.25 -13.01
CA PHE B 223 -3.46 -24.73 -14.26
C PHE B 223 -4.56 -24.89 -15.33
N THR B 224 -5.64 -24.17 -15.07
CA THR B 224 -6.89 -24.16 -15.81
C THR B 224 -7.05 -22.88 -16.62
N LEU B 225 -7.69 -22.94 -17.79
CA LEU B 225 -7.89 -21.73 -18.57
C LEU B 225 -8.84 -20.79 -17.81
N SER B 226 -9.86 -21.41 -17.23
CA SER B 226 -10.81 -20.64 -16.43
C SER B 226 -10.10 -19.88 -15.33
N ASN B 227 -9.34 -20.60 -14.51
CA ASN B 227 -8.61 -19.98 -13.41
C ASN B 227 -7.56 -19.00 -13.93
N TYR B 228 -7.01 -19.31 -15.10
CA TYR B 228 -6.05 -18.43 -15.74
C TYR B 228 -6.67 -17.06 -15.99
N LYS B 229 -7.78 -17.11 -16.69
CA LYS B 229 -8.60 -15.98 -17.08
C LYS B 229 -8.92 -15.08 -15.91
N ARG B 230 -9.25 -15.69 -14.77
CA ARG B 230 -9.63 -14.92 -13.59
C ARG B 230 -8.42 -14.21 -13.02
N ILE B 231 -7.23 -14.81 -12.97
CA ILE B 231 -6.15 -14.05 -12.36
C ILE B 231 -5.72 -12.88 -13.25
N VAL B 232 -5.74 -13.06 -14.56
CA VAL B 232 -5.25 -12.07 -15.52
C VAL B 232 -6.21 -10.88 -15.66
N LYS B 233 -7.51 -11.12 -15.54
CA LYS B 233 -8.48 -10.05 -15.70
C LYS B 233 -8.31 -8.97 -14.63
N TYR B 234 -8.15 -9.45 -13.39
CA TYR B 234 -8.10 -8.57 -12.24
C TYR B 234 -6.70 -8.02 -12.00
N LYS B 235 -5.71 -8.88 -12.15
CA LYS B 235 -4.32 -8.51 -12.03
C LYS B 235 -3.86 -7.65 -13.19
N THR B 236 -4.53 -7.72 -14.36
CA THR B 236 -3.95 -6.98 -15.48
C THR B 236 -4.88 -6.03 -16.21
N ALA B 237 -6.01 -6.54 -16.69
CA ALA B 237 -6.90 -5.81 -17.58
C ALA B 237 -7.47 -4.54 -16.97
N TYR B 238 -7.69 -4.53 -15.65
CA TYR B 238 -8.36 -3.37 -15.09
C TYR B 238 -7.47 -2.13 -15.09
N TYR B 239 -6.25 -2.27 -14.61
CA TYR B 239 -5.44 -1.04 -14.51
C TYR B 239 -4.79 -0.75 -15.86
N THR B 240 -4.65 -1.78 -16.68
CA THR B 240 -3.95 -1.53 -17.94
C THR B 240 -4.92 -1.04 -19.01
N TYR B 241 -6.13 -1.59 -19.14
CA TYR B 241 -7.05 -1.11 -20.16
C TYR B 241 -8.26 -0.35 -19.64
N LEU B 242 -8.91 -0.77 -18.57
CA LEU B 242 -10.11 -0.09 -18.09
C LEU B 242 -9.82 1.26 -17.43
N LEU B 243 -8.77 1.38 -16.62
CA LEU B 243 -8.56 2.61 -15.87
C LEU B 243 -8.16 3.80 -16.74
N PRO B 244 -7.19 3.71 -17.65
CA PRO B 244 -6.87 4.86 -18.50
C PRO B 244 -8.10 5.36 -19.26
N LEU B 245 -8.96 4.45 -19.74
CA LEU B 245 -10.14 4.92 -20.46
C LEU B 245 -11.11 5.69 -19.58
N VAL B 246 -11.47 5.16 -18.43
CA VAL B 246 -12.38 5.70 -17.44
C VAL B 246 -11.90 7.05 -16.91
N MET B 247 -10.59 7.15 -16.68
CA MET B 247 -10.04 8.41 -16.19
C MET B 247 -10.13 9.46 -17.29
N GLY B 248 -9.72 9.03 -18.49
CA GLY B 248 -9.86 9.87 -19.66
C GLY B 248 -11.26 10.41 -19.81
N LEU B 249 -12.29 9.57 -19.68
CA LEU B 249 -13.67 10.00 -19.74
C LEU B 249 -14.01 10.99 -18.63
N ILE B 250 -13.52 10.68 -17.43
CA ILE B 250 -13.82 11.44 -16.23
C ILE B 250 -13.35 12.89 -16.36
N VAL B 251 -12.08 13.08 -16.68
CA VAL B 251 -11.58 14.44 -16.74
C VAL B 251 -12.09 15.18 -17.96
N SER B 252 -12.86 14.52 -18.81
CA SER B 252 -13.52 15.06 -19.98
C SER B 252 -15.01 15.27 -19.78
N GLU B 253 -15.53 14.86 -18.63
CA GLU B 253 -16.96 15.03 -18.31
C GLU B 253 -17.81 14.42 -19.42
N ALA B 254 -17.46 13.18 -19.77
CA ALA B 254 -18.05 12.41 -20.85
C ALA B 254 -18.29 10.96 -20.47
N LEU B 255 -18.08 10.59 -19.22
CA LEU B 255 -18.28 9.23 -18.75
C LEU B 255 -19.64 8.65 -19.14
N PRO B 256 -20.75 9.30 -18.80
CA PRO B 256 -22.04 8.64 -19.04
C PRO B 256 -22.39 8.56 -20.53
N THR B 257 -21.58 9.19 -21.36
CA THR B 257 -21.68 9.26 -22.81
C THR B 257 -21.37 7.95 -23.49
N VAL B 258 -21.07 6.94 -22.68
CA VAL B 258 -20.43 5.74 -23.19
C VAL B 258 -21.05 4.48 -22.63
N ASP B 259 -21.30 3.52 -23.51
CA ASP B 259 -21.79 2.22 -23.06
C ASP B 259 -20.73 1.57 -22.18
N MET B 260 -20.86 1.63 -20.86
CA MET B 260 -19.84 1.03 -20.01
C MET B 260 -19.72 -0.46 -20.25
N GLY B 261 -20.81 -1.08 -20.66
CA GLY B 261 -20.85 -2.51 -20.91
C GLY B 261 -19.93 -2.95 -22.02
N VAL B 262 -20.00 -2.28 -23.16
CA VAL B 262 -19.10 -2.57 -24.28
C VAL B 262 -17.67 -2.27 -23.85
N THR B 263 -17.55 -1.07 -23.27
CA THR B 263 -16.28 -0.50 -22.87
C THR B 263 -15.53 -1.47 -21.95
N GLU B 264 -16.27 -2.03 -21.01
CA GLU B 264 -15.72 -2.94 -20.02
C GLU B 264 -15.27 -4.25 -20.68
N GLU B 265 -16.09 -4.64 -21.65
CA GLU B 265 -15.86 -5.83 -22.46
C GLU B 265 -14.52 -5.73 -23.17
N LEU B 266 -14.39 -4.65 -23.93
CA LEU B 266 -13.14 -4.38 -24.64
C LEU B 266 -11.93 -4.46 -23.72
N ALA B 267 -11.94 -3.69 -22.65
CA ALA B 267 -10.86 -3.62 -21.69
C ALA B 267 -10.51 -5.00 -21.15
N MET B 268 -11.56 -5.69 -20.67
CA MET B 268 -11.32 -7.04 -20.16
C MET B 268 -10.67 -7.89 -21.23
N LEU B 269 -11.10 -7.74 -22.48
CA LEU B 269 -10.55 -8.54 -23.57
C LEU B 269 -9.14 -8.11 -23.97
N MET B 270 -8.97 -6.83 -24.25
CA MET B 270 -7.65 -6.30 -24.58
C MET B 270 -6.63 -6.70 -23.51
N GLY B 271 -7.08 -6.68 -22.27
CA GLY B 271 -6.28 -7.04 -21.12
C GLY B 271 -5.97 -8.51 -21.01
N GLU B 272 -6.91 -9.38 -21.36
CA GLU B 272 -6.57 -10.80 -21.39
C GLU B 272 -5.48 -10.98 -22.46
N TYR B 273 -5.77 -10.42 -23.64
CA TYR B 273 -4.84 -10.59 -24.75
C TYR B 273 -3.45 -10.06 -24.41
N PHE B 274 -3.35 -8.85 -23.86
CA PHE B 274 -2.07 -8.28 -23.45
C PHE B 274 -1.28 -9.26 -22.58
N GLN B 275 -1.92 -9.85 -21.58
CA GLN B 275 -1.21 -10.76 -20.68
C GLN B 275 -0.70 -12.00 -21.37
N VAL B 276 -1.57 -12.60 -22.18
CA VAL B 276 -1.20 -13.76 -22.99
C VAL B 276 0.06 -13.40 -23.79
N GLN B 277 0.02 -12.20 -24.36
CA GLN B 277 1.17 -11.67 -25.07
C GLN B 277 2.39 -11.61 -24.16
N ASP B 278 2.13 -11.32 -22.90
CA ASP B 278 3.14 -11.25 -21.86
C ASP B 278 3.73 -12.63 -21.53
N ASP B 279 2.80 -13.55 -21.38
CA ASP B 279 3.01 -14.97 -21.17
C ASP B 279 3.91 -15.57 -22.24
N VAL B 280 3.60 -15.32 -23.51
CA VAL B 280 4.43 -15.90 -24.55
C VAL B 280 5.78 -15.21 -24.60
N MET B 281 5.76 -13.88 -24.53
CA MET B 281 7.03 -13.15 -24.59
C MET B 281 7.93 -13.60 -23.44
N ASP B 282 7.31 -13.97 -22.31
CA ASP B 282 8.07 -14.51 -21.20
C ASP B 282 8.93 -15.69 -21.65
N CYS B 283 8.30 -16.64 -22.33
CA CYS B 283 8.92 -17.88 -22.75
C CYS B 283 9.80 -17.78 -23.98
N PHE B 284 9.41 -17.02 -25.01
CA PHE B 284 10.20 -17.17 -26.24
C PHE B 284 10.92 -15.90 -26.68
N THR B 285 10.80 -14.80 -25.94
CA THR B 285 11.49 -13.57 -26.34
C THR B 285 12.84 -13.47 -25.63
N PRO B 286 13.89 -13.19 -26.37
CA PRO B 286 15.23 -13.00 -25.79
C PRO B 286 15.19 -12.07 -24.59
N PRO B 287 15.92 -12.40 -23.54
CA PRO B 287 15.91 -11.58 -22.33
C PRO B 287 16.58 -10.25 -22.64
N GLU B 288 17.57 -10.29 -23.54
CA GLU B 288 18.14 -9.01 -23.98
C GLU B 288 17.00 -8.20 -24.61
N ARG B 289 16.40 -8.80 -25.63
CA ARG B 289 15.28 -8.23 -26.33
C ARG B 289 14.20 -7.73 -25.35
N LEU B 290 13.87 -8.63 -24.45
CA LEU B 290 12.81 -8.58 -23.45
C LEU B 290 13.08 -7.60 -22.32
N GLY B 291 14.26 -7.71 -21.73
CA GLY B 291 14.76 -6.94 -20.63
C GLY B 291 14.61 -7.67 -19.29
N LYS B 292 14.82 -8.98 -19.27
CA LYS B 292 14.72 -9.82 -18.10
C LYS B 292 14.61 -11.32 -18.43
N VAL B 293 15.67 -12.07 -18.15
CA VAL B 293 15.65 -13.51 -18.36
C VAL B 293 14.43 -14.14 -17.69
N GLY B 294 13.47 -14.56 -18.51
CA GLY B 294 12.22 -15.17 -18.13
C GLY B 294 12.34 -16.26 -17.09
N THR B 295 11.38 -16.31 -16.18
CA THR B 295 11.40 -17.21 -15.03
C THR B 295 10.16 -18.09 -14.87
N ASP B 296 9.06 -17.70 -15.50
CA ASP B 296 7.74 -18.30 -15.39
C ASP B 296 7.81 -19.82 -15.25
N ILE B 297 8.46 -20.45 -16.22
CA ILE B 297 8.68 -21.89 -16.19
C ILE B 297 9.40 -22.30 -14.89
N GLN B 298 10.43 -21.54 -14.59
CA GLN B 298 11.25 -21.71 -13.39
C GLN B 298 10.44 -21.48 -12.13
N ASP B 299 9.69 -20.37 -12.09
CA ASP B 299 8.95 -20.15 -10.83
C ASP B 299 7.60 -20.84 -10.93
N ALA B 300 7.46 -21.66 -11.98
CA ALA B 300 6.26 -22.46 -12.12
C ALA B 300 5.00 -21.61 -12.12
N LYS B 301 4.98 -20.57 -12.95
CA LYS B 301 3.77 -19.73 -12.88
C LYS B 301 2.61 -20.36 -13.64
N CYS B 302 1.43 -19.78 -13.47
CA CYS B 302 0.22 -20.25 -14.15
C CYS B 302 -0.03 -19.42 -15.41
N SER B 303 0.84 -19.56 -16.40
CA SER B 303 0.79 -18.84 -17.65
C SER B 303 -0.23 -19.43 -18.64
N TRP B 304 -0.33 -18.76 -19.78
CA TRP B 304 -1.25 -19.12 -20.84
C TRP B 304 -0.75 -20.36 -21.57
N LEU B 305 0.56 -20.40 -21.75
CA LEU B 305 1.25 -21.57 -22.28
C LEU B 305 0.98 -22.80 -21.39
N ALA B 306 1.24 -22.66 -20.09
CA ALA B 306 1.05 -23.72 -19.13
C ALA B 306 -0.35 -24.29 -19.17
N VAL B 307 -1.37 -23.45 -19.00
CA VAL B 307 -2.74 -23.95 -19.00
C VAL B 307 -3.21 -24.36 -20.39
N THR B 308 -2.73 -23.68 -21.44
CA THR B 308 -3.11 -24.07 -22.79
C THR B 308 -2.47 -25.42 -23.14
N PHE B 309 -1.25 -25.66 -22.66
CA PHE B 309 -0.56 -26.90 -22.92
C PHE B 309 -1.20 -28.08 -22.20
N LEU B 310 -1.37 -27.95 -20.90
CA LEU B 310 -1.95 -29.04 -20.13
C LEU B 310 -3.34 -29.43 -20.63
N ALA B 311 -4.03 -28.57 -21.38
CA ALA B 311 -5.41 -28.93 -21.74
C ALA B 311 -5.47 -29.79 -22.99
N LYS B 312 -4.68 -29.46 -24.00
CA LYS B 312 -4.55 -30.23 -25.22
C LYS B 312 -3.53 -31.35 -25.13
N ALA B 313 -2.78 -31.48 -24.04
CA ALA B 313 -1.66 -32.40 -23.95
C ALA B 313 -2.03 -33.85 -23.65
N SER B 314 -1.23 -34.73 -24.25
CA SER B 314 -1.30 -36.16 -24.08
C SER B 314 -0.86 -36.57 -22.68
N SER B 315 -1.12 -37.81 -22.31
CA SER B 315 -0.71 -38.35 -21.02
C SER B 315 0.80 -38.29 -20.86
N ALA B 316 1.53 -38.69 -21.89
CA ALA B 316 2.99 -38.72 -21.86
C ALA B 316 3.55 -37.31 -21.78
N GLN B 317 2.99 -36.41 -22.60
CA GLN B 317 3.49 -35.04 -22.58
C GLN B 317 3.33 -34.39 -21.21
N VAL B 318 2.25 -34.72 -20.53
CA VAL B 318 1.90 -34.14 -19.24
C VAL B 318 2.73 -34.68 -18.09
N ALA B 319 3.22 -35.92 -18.22
CA ALA B 319 4.08 -36.48 -17.19
C ALA B 319 5.45 -35.76 -17.23
N GLU B 320 5.90 -35.63 -18.47
CA GLU B 320 7.08 -34.94 -18.92
C GLU B 320 7.05 -33.47 -18.52
N PHE B 321 5.92 -32.78 -18.75
CA PHE B 321 5.85 -31.39 -18.30
C PHE B 321 6.05 -31.38 -16.80
N LYS B 322 5.28 -32.25 -16.14
CA LYS B 322 5.30 -32.29 -14.68
C LYS B 322 6.71 -32.51 -14.15
N ALA B 323 7.59 -33.14 -14.94
CA ALA B 323 8.92 -33.46 -14.46
C ALA B 323 9.95 -32.40 -14.78
N ASN B 324 9.60 -31.41 -15.62
CA ASN B 324 10.62 -30.40 -15.91
C ASN B 324 10.08 -29.00 -15.72
N TYR B 325 8.98 -28.90 -14.99
CA TYR B 325 8.40 -27.60 -14.66
C TYR B 325 8.78 -27.17 -13.24
N GLY B 326 8.92 -25.85 -13.11
CA GLY B 326 9.16 -25.19 -11.86
C GLY B 326 10.54 -25.47 -11.29
N SER B 327 11.53 -25.55 -12.17
CA SER B 327 12.90 -25.74 -11.67
C SER B 327 13.94 -25.06 -12.56
N GLY B 328 14.78 -24.27 -11.88
CA GLY B 328 15.84 -23.53 -12.53
C GLY B 328 16.87 -24.47 -13.11
N ASP B 329 16.62 -25.01 -14.30
CA ASP B 329 17.62 -25.98 -14.76
C ASP B 329 18.13 -25.66 -16.16
N SER B 330 18.98 -26.56 -16.63
CA SER B 330 19.57 -26.46 -17.95
C SER B 330 18.63 -27.11 -18.97
N GLU B 331 18.65 -28.43 -18.99
CA GLU B 331 17.86 -29.23 -19.91
C GLU B 331 16.37 -29.20 -19.59
N LYS B 332 16.00 -28.87 -18.36
CA LYS B 332 14.62 -28.94 -17.92
C LYS B 332 13.74 -27.86 -18.55
N VAL B 333 13.99 -26.60 -18.23
CA VAL B 333 13.25 -25.50 -18.85
C VAL B 333 13.31 -25.66 -20.37
N ALA B 334 14.49 -26.02 -20.86
CA ALA B 334 14.69 -26.38 -22.25
C ALA B 334 13.70 -27.47 -22.65
N THR B 335 13.52 -28.41 -21.72
CA THR B 335 12.57 -29.48 -21.95
C THR B 335 11.18 -28.88 -22.11
N VAL B 336 10.79 -28.07 -21.13
CA VAL B 336 9.47 -27.45 -21.07
C VAL B 336 9.25 -26.53 -22.26
N ARG B 337 10.34 -26.04 -22.83
CA ARG B 337 10.22 -25.13 -23.98
C ARG B 337 10.01 -25.92 -25.26
N ARG B 338 10.60 -27.11 -25.34
CA ARG B 338 10.40 -27.92 -26.55
C ARG B 338 9.00 -28.53 -26.58
N LEU B 339 8.53 -28.94 -25.43
CA LEU B 339 7.22 -29.55 -25.23
C LEU B 339 6.09 -28.64 -25.71
N TYR B 340 6.28 -27.33 -25.51
CA TYR B 340 5.35 -26.29 -25.92
C TYR B 340 5.37 -26.17 -27.43
N GLU B 341 6.55 -26.26 -28.02
CA GLU B 341 6.60 -26.31 -29.48
C GLU B 341 6.11 -27.68 -29.95
N GLU B 342 6.39 -28.70 -29.13
CA GLU B 342 5.89 -30.05 -29.35
C GLU B 342 4.38 -30.02 -29.57
N ALA B 343 3.71 -29.17 -28.80
CA ALA B 343 2.25 -29.12 -28.81
C ALA B 343 1.70 -28.03 -29.71
N ASP B 344 2.53 -27.33 -30.47
CA ASP B 344 2.04 -26.27 -31.34
C ASP B 344 1.21 -25.24 -30.58
N LEU B 345 1.79 -24.67 -29.53
CA LEU B 345 1.21 -23.59 -28.73
C LEU B 345 1.26 -22.27 -29.50
N GLN B 346 2.12 -22.20 -30.50
CA GLN B 346 2.26 -21.02 -31.36
C GLN B 346 1.12 -20.92 -32.36
N GLY B 347 0.53 -22.04 -32.72
CA GLY B 347 -0.65 -22.05 -33.57
C GLY B 347 -1.91 -21.79 -32.77
N ASP B 348 -2.02 -22.37 -31.58
CA ASP B 348 -3.11 -22.07 -30.67
C ASP B 348 -3.13 -20.56 -30.42
N TYR B 349 -1.92 -20.03 -30.20
CA TYR B 349 -1.80 -18.60 -29.97
C TYR B 349 -2.35 -17.78 -31.13
N VAL B 350 -1.94 -18.15 -32.35
CA VAL B 350 -2.30 -17.32 -33.49
C VAL B 350 -3.81 -17.37 -33.71
N ALA B 351 -4.37 -18.49 -33.27
CA ALA B 351 -5.83 -18.65 -33.37
C ALA B 351 -6.50 -17.78 -32.32
N TYR B 352 -5.88 -17.69 -31.13
CA TYR B 352 -6.36 -16.84 -30.06
C TYR B 352 -6.53 -15.40 -30.56
N GLU B 353 -5.40 -14.87 -31.02
CA GLU B 353 -5.24 -13.52 -31.52
C GLU B 353 -6.26 -13.17 -32.59
N ALA B 354 -6.56 -14.07 -33.51
CA ALA B 354 -7.58 -13.80 -34.52
C ALA B 354 -8.98 -13.79 -33.92
N ALA B 355 -9.23 -14.75 -33.02
CA ALA B 355 -10.46 -14.73 -32.24
C ALA B 355 -10.60 -13.36 -31.56
N VAL B 356 -9.67 -13.06 -30.65
CA VAL B 356 -9.69 -11.78 -29.94
C VAL B 356 -9.79 -10.62 -30.92
N ALA B 357 -8.96 -10.60 -31.96
CA ALA B 357 -8.93 -9.45 -32.84
C ALA B 357 -10.29 -9.23 -33.48
N GLU B 358 -11.06 -10.31 -33.63
CA GLU B 358 -12.39 -10.18 -34.23
C GLU B 358 -13.39 -9.66 -33.22
N GLN B 359 -13.42 -10.18 -32.00
CA GLN B 359 -14.41 -9.68 -31.04
C GLN B 359 -14.15 -8.22 -30.69
N VAL B 360 -12.89 -7.81 -30.78
CA VAL B 360 -12.53 -6.43 -30.48
C VAL B 360 -13.05 -5.48 -31.55
N LYS B 361 -13.14 -6.00 -32.78
CA LYS B 361 -13.57 -5.25 -33.94
C LYS B 361 -15.08 -5.03 -33.94
N GLU B 362 -15.80 -6.00 -33.40
CA GLU B 362 -17.26 -5.86 -33.40
C GLU B 362 -17.69 -5.01 -32.21
N LEU B 363 -16.95 -5.13 -31.11
CA LEU B 363 -17.14 -4.28 -29.95
C LEU B 363 -16.85 -2.82 -30.26
N ILE B 364 -15.71 -2.58 -30.94
CA ILE B 364 -15.38 -1.19 -31.25
C ILE B 364 -16.43 -0.60 -32.19
N GLU B 365 -16.91 -1.39 -33.16
CA GLU B 365 -17.94 -0.75 -34.00
C GLU B 365 -19.20 -0.50 -33.18
N LYS B 366 -19.50 -1.33 -32.19
CA LYS B 366 -20.62 -1.03 -31.31
C LYS B 366 -20.46 0.34 -30.64
N LEU B 367 -19.24 0.69 -30.24
CA LEU B 367 -19.02 1.91 -29.50
C LEU B 367 -19.13 3.14 -30.39
N ARG B 368 -18.68 2.95 -31.63
CA ARG B 368 -18.59 3.96 -32.68
C ARG B 368 -19.95 4.56 -33.02
N LEU B 369 -21.00 3.76 -32.88
CA LEU B 369 -22.36 4.17 -33.17
C LEU B 369 -22.66 5.53 -32.52
N CYS B 370 -22.57 5.46 -31.20
CA CYS B 370 -22.85 6.52 -30.27
C CYS B 370 -21.58 7.26 -29.86
N SER B 371 -20.53 6.55 -29.48
CA SER B 371 -19.28 7.22 -29.09
C SER B 371 -18.19 7.02 -30.14
N PRO B 372 -18.25 7.79 -31.22
CA PRO B 372 -17.31 7.60 -32.34
C PRO B 372 -15.89 8.02 -31.95
N GLY B 373 -15.83 9.25 -31.42
CA GLY B 373 -14.58 9.79 -30.91
C GLY B 373 -13.97 8.88 -29.87
N PHE B 374 -14.82 8.22 -29.07
CA PHE B 374 -14.26 7.35 -28.04
C PHE B 374 -13.76 6.04 -28.67
N ALA B 375 -14.51 5.51 -29.63
CA ALA B 375 -14.11 4.25 -30.25
C ALA B 375 -12.84 4.49 -31.07
N ALA B 376 -12.59 5.75 -31.41
CA ALA B 376 -11.36 6.12 -32.11
C ALA B 376 -10.16 5.93 -31.18
N SER B 377 -10.20 6.46 -29.97
CA SER B 377 -9.08 6.31 -29.05
C SER B 377 -8.88 4.87 -28.60
N VAL B 378 -9.91 4.06 -28.44
CA VAL B 378 -9.81 2.65 -28.12
C VAL B 378 -9.18 1.85 -29.26
N GLU B 379 -9.41 2.31 -30.47
CA GLU B 379 -8.78 1.80 -31.69
C GLU B 379 -7.27 2.05 -31.57
N THR B 380 -6.95 3.31 -31.27
CA THR B 380 -5.57 3.68 -31.05
C THR B 380 -4.95 2.83 -29.95
N LEU B 381 -5.76 2.45 -28.96
CA LEU B 381 -5.26 1.63 -27.86
C LEU B 381 -4.98 0.22 -28.38
N TRP B 382 -5.96 -0.30 -29.10
CA TRP B 382 -5.87 -1.62 -29.71
C TRP B 382 -4.58 -1.72 -30.53
N GLY B 383 -4.31 -0.69 -31.32
CA GLY B 383 -3.12 -0.64 -32.14
C GLY B 383 -1.82 -0.67 -31.37
N LYS B 384 -1.81 -0.28 -30.09
CA LYS B 384 -0.54 -0.37 -29.36
C LYS B 384 -0.46 -1.72 -28.64
N THR B 385 -1.55 -2.47 -28.77
CA THR B 385 -1.67 -3.80 -28.18
C THR B 385 -1.49 -4.89 -29.23
N TYR B 386 -2.34 -4.84 -30.24
CA TYR B 386 -2.40 -5.82 -31.32
C TYR B 386 -1.03 -6.19 -31.85
N LYS B 387 -0.26 -5.19 -32.28
CA LYS B 387 1.10 -5.62 -32.65
C LYS B 387 1.84 -6.13 -31.42
N ARG B 388 2.34 -5.23 -30.60
CA ARG B 388 3.14 -5.54 -29.42
C ARG B 388 4.32 -6.42 -29.79
N GLN B 389 5.37 -5.76 -30.26
CA GLN B 389 6.55 -6.38 -30.84
C GLN B 389 7.82 -5.92 -30.13
N LYS B 390 8.28 -4.73 -30.50
CA LYS B 390 9.48 -4.12 -29.95
C LYS B 390 9.14 -3.19 -28.79
#